data_8VLG
#
_entry.id   8VLG
#
_cell.length_a   1.00
_cell.length_b   1.00
_cell.length_c   1.00
_cell.angle_alpha   90.00
_cell.angle_beta   90.00
_cell.angle_gamma   90.00
#
_symmetry.space_group_name_H-M   'P 1'
#
loop_
_entity.id
_entity.type
_entity.pdbx_description
1 polymer 'Heparan-alpha-glucosaminide N-acetyltransferase'
2 branched 2-acetamido-2-deoxy-beta-D-glucopyranose-(1-4)-2-acetamido-2-deoxy-beta-D-glucopyranose
3 non-polymer 2-acetamido-2-deoxy-beta-D-glucopyranose
4 non-polymer 'ACETYL COENZYME *A'
5 non-polymer '4-methyl-2-oxo-2H-1-benzopyran-7-yl 2-amino-2-deoxy-beta-D-glucopyranoside'
#
_entity_poly.entity_id   1
_entity_poly.type   'polypeptide(L)'
_entity_poly.pdbx_seq_one_letter_code
;MTGARASAAEQRRAGRSGQARAAERAAGMSGAGRALAALLLAASVLSAALLAPGGSSGRDAQAAPPRDLDKKRHAELKMD
QALLLIHNELLWTNLTVYWKSECCYHCLFQVLVNVPQSPKAGKPSAAAASVSTQHGSILQLNDTLEEKEVCRLEYRFGEF
GNYSLLVKNIHNGVSEIACDLAVNEDPVDSNLPVSIAFLIGLAVIIVISFLRLLLSLDDFNNWISKAISSRETDRLINSE
LGSPSRTDPLDGDVQPATWRLSALPPRLRSVDTFRGIALILMVFVNYGGGKYWYFKHASWNGLTVADLVFPWFVFIMGSS
IFLSMTSILQRGCSKFRLLGKIAWRSFLLICIGIIIVNPNYCLGPLSWDKVRIPGVLQRLGVTYFVVAVLELLFAKPVPE
HCASERSCLSLRDITSSWPQWLLILVLEGLWLGLTFLLPVPGCPTGYLGPGGIGDFGKYPNCTGGAAGYIDRLLLGDDHL
YQHPSSAVLYHTEVAYDPEGILGTINSIVMAFLGVQAGKILLYYKARTKDILIRFTAWCCILGLISVALTKVSENEGFIP
VNKNLWSLSYVTTLSSFAFFILLVLYPVVDVKGLWTGTPFFYPGMNSILVYVGHEVFENYFPFQWKLKDNQSHKEHLTQN
IVATALWVLIAYILYRKKIFWKI
;
_entity_poly.pdbx_strand_id   A,B
#
# COMPACT_ATOMS: atom_id res chain seq x y z
N GLU A 76 0.28 5.55 30.90
CA GLU A 76 -0.55 6.52 31.61
C GLU A 76 -0.63 7.84 30.83
N LEU A 77 0.52 8.45 30.57
CA LEU A 77 0.59 9.71 29.85
C LEU A 77 0.99 9.48 28.40
N LYS A 78 0.59 10.42 27.55
CA LYS A 78 0.86 10.38 26.12
C LYS A 78 1.94 11.40 25.78
N MET A 79 2.32 11.43 24.51
CA MET A 79 3.34 12.35 24.03
C MET A 79 2.93 13.79 24.29
N ASP A 80 3.85 14.59 24.83
CA ASP A 80 3.62 16.00 25.09
C ASP A 80 2.35 16.19 25.92
N GLN A 81 2.34 15.56 27.10
CA GLN A 81 1.15 15.56 27.95
C GLN A 81 1.60 15.44 29.40
N ALA A 82 1.69 16.57 30.09
CA ALA A 82 2.01 16.58 31.51
C ALA A 82 0.78 16.22 32.33
N LEU A 83 1.03 15.61 33.49
CA LEU A 83 -0.04 15.22 34.40
C LEU A 83 -0.20 16.30 35.46
N LEU A 84 -1.40 16.86 35.57
CA LEU A 84 -1.69 17.94 36.49
C LEU A 84 -2.68 17.46 37.54
N LEU A 85 -2.30 17.60 38.81
CA LEU A 85 -3.18 17.26 39.93
C LEU A 85 -3.60 18.55 40.63
N ILE A 86 -4.90 18.75 40.74
CA ILE A 86 -5.47 19.95 41.34
C ILE A 86 -5.90 19.62 42.76
N HIS A 87 -5.27 20.26 43.74
CA HIS A 87 -5.60 20.09 45.15
C HIS A 87 -6.45 21.29 45.58
N ASN A 88 -7.72 21.03 45.86
CA ASN A 88 -8.66 22.09 46.25
C ASN A 88 -8.73 22.13 47.77
N GLU A 89 -7.93 23.02 48.37
CA GLU A 89 -8.02 23.24 49.80
C GLU A 89 -9.28 23.96 50.22
N LEU A 90 -10.03 24.51 49.27
CA LEU A 90 -11.28 25.19 49.58
C LEU A 90 -12.31 24.20 50.11
N LEU A 91 -13.21 24.70 50.96
CA LEU A 91 -14.22 23.88 51.58
C LEU A 91 -15.64 24.31 51.26
N TRP A 92 -15.83 25.34 50.43
CA TRP A 92 -17.17 25.83 50.11
C TRP A 92 -17.30 26.19 48.64
N THR A 93 -16.55 25.52 47.77
CA THR A 93 -16.60 25.81 46.34
C THR A 93 -16.26 24.57 45.55
N ASN A 94 -16.96 24.38 44.43
CA ASN A 94 -16.70 23.28 43.50
C ASN A 94 -15.97 23.86 42.30
N LEU A 95 -14.64 23.83 42.36
CA LEU A 95 -13.82 24.45 41.33
C LEU A 95 -13.85 23.64 40.03
N THR A 96 -13.77 24.36 38.90
CA THR A 96 -13.66 23.76 37.59
C THR A 96 -12.48 24.40 36.88
N VAL A 97 -11.47 23.58 36.54
CA VAL A 97 -10.29 24.09 35.86
C VAL A 97 -10.55 24.10 34.36
N TYR A 98 -10.37 25.26 33.74
CA TYR A 98 -10.50 25.41 32.30
C TYR A 98 -9.12 25.30 31.66
N TRP A 99 -9.12 25.22 30.33
CA TRP A 99 -7.87 25.03 29.62
C TRP A 99 -7.97 25.62 28.21
N LYS A 100 -6.85 26.16 27.74
CA LYS A 100 -6.73 26.71 26.39
C LYS A 100 -5.26 26.95 26.07
N SER A 101 -4.79 26.45 24.93
CA SER A 101 -3.40 26.61 24.57
C SER A 101 -3.08 28.07 24.24
N GLU A 102 -1.80 28.41 24.34
CA GLU A 102 -1.36 29.74 23.94
C GLU A 102 -1.55 29.96 22.44
N CYS A 103 -1.27 28.92 21.64
CA CYS A 103 -1.34 29.05 20.18
C CYS A 103 -2.74 29.25 19.64
N CYS A 104 -3.77 28.90 20.41
CA CYS A 104 -5.13 29.30 20.04
C CYS A 104 -5.21 30.83 19.95
N TYR A 105 -5.79 31.32 18.87
CA TYR A 105 -5.95 32.77 18.73
C TYR A 105 -7.10 33.26 19.61
N HIS A 106 -8.31 32.81 19.33
CA HIS A 106 -9.48 33.11 20.15
C HIS A 106 -10.22 31.79 20.36
N CYS A 107 -9.82 31.04 21.39
CA CYS A 107 -10.40 29.74 21.68
C CYS A 107 -11.19 29.82 22.98
N LEU A 108 -12.36 29.17 22.99
CA LEU A 108 -13.08 28.98 24.23
C LEU A 108 -12.31 28.05 25.17
N PHE A 109 -12.47 28.28 26.46
CA PHE A 109 -11.86 27.41 27.45
C PHE A 109 -12.62 26.08 27.49
N GLN A 110 -11.87 24.99 27.52
CA GLN A 110 -12.45 23.66 27.62
C GLN A 110 -12.26 23.13 29.04
N VAL A 111 -13.29 22.45 29.55
CA VAL A 111 -13.22 21.93 30.91
C VAL A 111 -12.14 20.87 30.98
N LEU A 112 -11.19 21.06 31.90
CA LEU A 112 -10.11 20.11 32.09
C LEU A 112 -10.53 18.99 33.03
N VAL A 113 -10.95 19.34 34.25
CA VAL A 113 -11.52 18.38 35.19
C VAL A 113 -12.34 19.18 36.20
N ASN A 114 -13.31 18.51 36.82
CA ASN A 114 -14.21 19.15 37.77
C ASN A 114 -13.83 18.68 39.17
N VAL A 115 -12.96 19.44 39.83
CA VAL A 115 -12.53 19.06 41.18
C VAL A 115 -13.64 19.37 42.18
N PRO A 116 -13.89 18.50 43.16
CA PRO A 116 -14.94 18.78 44.15
C PRO A 116 -14.40 19.56 45.34
N GLN A 117 -15.29 19.93 46.27
CA GLN A 117 -14.87 20.60 47.48
C GLN A 117 -14.37 19.59 48.51
N SER A 118 -13.53 20.07 49.42
CA SER A 118 -12.99 19.21 50.45
C SER A 118 -14.07 18.84 51.44
N PRO A 119 -14.36 17.55 51.65
CA PRO A 119 -15.41 17.19 52.62
C PRO A 119 -15.09 17.63 54.03
N LYS A 120 -13.82 17.63 54.42
CA LYS A 120 -13.42 18.07 55.74
C LYS A 120 -12.11 18.83 55.64
N ALA A 121 -11.89 19.74 56.59
CA ALA A 121 -10.66 20.52 56.61
C ALA A 121 -9.46 19.63 56.93
N GLY A 122 -8.34 19.93 56.29
CA GLY A 122 -7.13 19.16 56.49
C GLY A 122 -6.80 18.26 55.31
N LYS A 123 -7.83 17.66 54.72
CA LYS A 123 -7.66 16.78 53.57
C LYS A 123 -8.30 17.41 52.34
N PRO A 124 -7.53 18.03 51.45
CA PRO A 124 -8.13 18.66 50.26
C PRO A 124 -8.47 17.64 49.19
N SER A 125 -9.53 17.94 48.45
CA SER A 125 -9.94 17.10 47.34
C SER A 125 -8.93 17.18 46.21
N ALA A 126 -8.68 16.05 45.55
CA ALA A 126 -7.69 15.97 44.48
C ALA A 126 -8.28 15.25 43.28
N ALA A 127 -7.86 15.68 42.09
CA ALA A 127 -8.21 15.01 40.86
C ALA A 127 -7.04 15.10 39.90
N ALA A 128 -6.97 14.13 38.98
CA ALA A 128 -5.87 14.03 38.03
C ALA A 128 -6.34 14.48 36.65
N ALA A 129 -5.56 15.37 36.04
CA ALA A 129 -5.86 15.85 34.70
C ALA A 129 -4.57 15.88 33.89
N SER A 130 -4.68 15.63 32.59
CA SER A 130 -3.54 15.59 31.67
C SER A 130 -3.57 16.83 30.81
N VAL A 131 -2.62 17.74 31.04
CA VAL A 131 -2.53 18.99 30.31
C VAL A 131 -1.59 18.82 29.12
N SER A 132 -1.94 19.42 27.99
CA SER A 132 -1.08 19.36 26.82
C SER A 132 0.17 20.18 27.02
N THR A 133 1.26 19.72 26.42
CA THR A 133 2.58 20.33 26.59
C THR A 133 3.08 21.01 25.32
N GLN A 134 2.57 20.63 24.15
CA GLN A 134 3.10 21.07 22.86
C GLN A 134 3.56 22.53 22.87
N HIS A 135 2.69 23.44 23.29
CA HIS A 135 3.08 24.84 23.40
C HIS A 135 2.11 25.54 24.36
N GLY A 136 2.63 25.94 25.52
CA GLY A 136 1.88 26.75 26.46
C GLY A 136 0.66 26.07 27.06
N SER A 137 0.02 26.76 28.00
CA SER A 137 -1.22 26.31 28.63
C SER A 137 -1.79 27.44 29.45
N ILE A 138 -3.10 27.67 29.33
CA ILE A 138 -3.81 28.67 30.11
C ILE A 138 -4.87 27.95 30.92
N LEU A 139 -4.76 28.01 32.24
CA LEU A 139 -5.69 27.35 33.15
C LEU A 139 -6.49 28.43 33.87
N GLN A 140 -7.77 28.51 33.57
CA GLN A 140 -8.68 29.45 34.21
C GLN A 140 -9.54 28.69 35.22
N LEU A 141 -9.54 29.15 36.46
CA LEU A 141 -10.22 28.49 37.56
C LEU A 141 -11.59 29.12 37.76
N ASN A 142 -12.64 28.32 37.65
CA ASN A 142 -14.00 28.78 37.85
C ASN A 142 -14.73 27.79 38.75
N ASP A 143 -15.76 28.26 39.45
CA ASP A 143 -16.56 27.44 40.33
C ASP A 143 -17.94 27.23 39.72
N THR A 144 -18.45 26.00 39.82
CA THR A 144 -19.74 25.68 39.22
C THR A 144 -20.90 26.39 39.90
N LEU A 145 -20.70 26.92 41.10
CA LEU A 145 -21.78 27.58 41.82
C LEU A 145 -21.97 29.02 41.36
N GLU A 146 -20.93 29.85 41.50
CA GLU A 146 -21.04 31.28 41.21
C GLU A 146 -20.39 31.68 39.90
N GLU A 147 -19.53 30.84 39.33
CA GLU A 147 -18.84 31.13 38.07
C GLU A 147 -18.03 32.43 38.17
N LYS A 148 -17.04 32.41 39.06
CA LYS A 148 -16.14 33.54 39.26
C LYS A 148 -14.70 33.05 39.20
N GLU A 149 -13.85 33.82 38.52
CA GLU A 149 -12.46 33.44 38.32
C GLU A 149 -11.70 33.61 39.63
N VAL A 150 -11.52 32.51 40.36
CA VAL A 150 -10.78 32.58 41.62
C VAL A 150 -9.30 32.86 41.36
N CYS A 151 -8.75 32.34 40.26
CA CYS A 151 -7.38 32.63 39.87
C CYS A 151 -7.18 32.16 38.44
N ARG A 152 -6.40 32.92 37.67
CA ARG A 152 -6.04 32.55 36.30
C ARG A 152 -4.55 32.23 36.27
N LEU A 153 -4.22 30.99 35.91
CA LEU A 153 -2.85 30.53 35.87
C LEU A 153 -2.45 30.26 34.42
N GLU A 154 -1.32 30.80 34.01
CA GLU A 154 -0.83 30.70 32.64
C GLU A 154 0.60 30.16 32.69
N TYR A 155 0.78 28.91 32.26
CA TYR A 155 2.06 28.23 32.41
C TYR A 155 2.37 27.46 31.13
N ARG A 156 3.57 26.90 31.08
CA ARG A 156 3.98 25.97 30.04
C ARG A 156 4.48 24.70 30.69
N PHE A 157 3.87 23.57 30.32
CA PHE A 157 4.16 22.29 30.95
C PHE A 157 5.19 21.50 30.16
N GLY A 158 5.69 20.43 30.78
CA GLY A 158 6.67 19.56 30.17
C GLY A 158 6.05 18.27 29.63
N GLU A 159 6.91 17.47 29.00
CA GLU A 159 6.40 16.29 28.29
C GLU A 159 5.81 15.27 29.25
N PHE A 160 6.54 14.92 30.30
CA PHE A 160 6.06 13.99 31.33
C PHE A 160 6.39 14.61 32.67
N GLY A 161 5.47 15.43 33.18
CA GLY A 161 5.72 16.14 34.42
C GLY A 161 4.60 16.00 35.42
N ASN A 162 4.92 15.46 36.60
CA ASN A 162 3.95 15.31 37.68
C ASN A 162 3.75 16.68 38.30
N TYR A 163 2.90 17.50 37.68
CA TYR A 163 2.61 18.84 38.18
C TYR A 163 1.47 18.78 39.18
N SER A 164 1.62 19.53 40.27
CA SER A 164 0.60 19.60 41.32
C SER A 164 0.20 21.06 41.50
N LEU A 165 -1.09 21.34 41.33
CA LEU A 165 -1.65 22.67 41.52
C LEU A 165 -2.48 22.67 42.80
N LEU A 166 -2.11 23.52 43.75
CA LEU A 166 -2.84 23.64 45.00
C LEU A 166 -3.40 25.05 45.11
N VAL A 167 -4.68 25.14 45.49
CA VAL A 167 -5.35 26.42 45.69
C VAL A 167 -5.89 26.44 47.11
N LYS A 168 -5.55 27.49 47.85
CA LYS A 168 -5.95 27.61 49.25
C LYS A 168 -6.40 29.04 49.52
N ASN A 169 -7.24 29.18 50.54
CA ASN A 169 -7.71 30.49 50.97
C ASN A 169 -6.71 31.09 51.95
N ILE A 170 -6.26 32.31 51.67
CA ILE A 170 -5.29 32.98 52.52
C ILE A 170 -5.85 34.30 53.01
N GLU A 176 -7.64 36.72 48.25
CA GLU A 176 -8.39 35.78 49.05
C GLU A 176 -7.89 34.36 48.84
N ILE A 177 -8.17 33.80 47.67
CA ILE A 177 -7.75 32.46 47.30
C ILE A 177 -6.78 32.57 46.14
N ALA A 178 -5.58 32.02 46.32
CA ALA A 178 -4.54 32.04 45.30
C ALA A 178 -4.06 30.61 45.04
N CYS A 179 -3.87 30.29 43.77
CA CYS A 179 -3.44 28.96 43.36
C CYS A 179 -1.96 28.99 43.01
N ASP A 180 -1.20 28.08 43.63
CA ASP A 180 0.24 27.98 43.44
C ASP A 180 0.59 26.68 42.75
N LEU A 181 1.71 26.69 42.03
CA LEU A 181 2.13 25.55 41.22
C LEU A 181 3.33 24.86 41.86
N ALA A 182 3.26 23.53 41.94
CA ALA A 182 4.34 22.72 42.48
C ALA A 182 4.65 21.59 41.52
N VAL A 183 5.93 21.29 41.36
CA VAL A 183 6.40 20.27 40.43
C VAL A 183 6.89 19.07 41.25
N ASN A 184 6.22 17.94 41.07
CA ASN A 184 6.60 16.71 41.76
C ASN A 184 7.62 15.88 40.98
N GLU A 185 7.56 15.92 39.65
CA GLU A 185 8.55 15.26 38.81
C GLU A 185 9.00 16.21 37.72
N ASP A 186 10.30 16.28 37.51
CA ASP A 186 10.83 17.19 36.50
C ASP A 186 10.46 16.69 35.10
N PRO A 187 10.18 17.60 34.17
CA PRO A 187 9.80 17.18 32.82
C PRO A 187 10.97 16.58 32.06
N VAL A 188 10.63 15.80 31.04
CA VAL A 188 11.63 15.22 30.14
C VAL A 188 12.26 16.28 29.26
N ASP A 189 11.63 17.45 29.14
CA ASP A 189 12.10 18.55 28.30
C ASP A 189 12.19 18.11 26.83
N SER A 190 10.99 17.84 26.29
CA SER A 190 10.89 17.40 24.90
C SER A 190 11.46 18.45 23.96
N ASN A 191 12.29 18.00 23.02
CA ASN A 191 12.92 18.82 21.99
C ASN A 191 13.99 19.73 22.57
N LEU A 192 14.06 19.81 23.89
CA LEU A 192 15.15 20.49 24.59
C LEU A 192 16.34 19.55 24.73
N PRO A 193 16.11 18.30 25.14
CA PRO A 193 17.22 17.39 25.44
C PRO A 193 17.90 16.85 24.20
N VAL A 194 17.12 16.50 23.18
CA VAL A 194 17.70 15.91 21.97
C VAL A 194 18.59 16.94 21.26
N SER A 195 18.08 18.15 21.06
CA SER A 195 18.81 19.26 20.44
C SER A 195 19.53 18.82 19.19
N ILE A 196 20.77 19.30 19.01
CA ILE A 196 21.60 18.85 17.90
C ILE A 196 22.49 17.67 18.29
N ALA A 197 22.70 17.44 19.59
CA ALA A 197 23.57 16.35 20.02
C ALA A 197 23.01 15.00 19.62
N PHE A 198 21.73 14.74 19.92
CA PHE A 198 21.15 13.45 19.56
C PHE A 198 21.05 13.30 18.05
N LEU A 199 20.76 14.39 17.33
CA LEU A 199 20.70 14.32 15.88
C LEU A 199 22.06 13.96 15.29
N ILE A 200 23.13 14.57 15.80
CA ILE A 200 24.48 14.26 15.31
C ILE A 200 24.83 12.82 15.65
N GLY A 201 24.49 12.37 16.85
CA GLY A 201 24.76 10.98 17.21
C GLY A 201 24.02 9.99 16.33
N LEU A 202 22.75 10.26 16.04
CA LEU A 202 21.98 9.39 15.16
C LEU A 202 22.55 9.39 13.75
N ALA A 203 22.95 10.55 13.25
CA ALA A 203 23.55 10.62 11.92
C ALA A 203 24.86 9.82 11.87
N VAL A 204 25.68 9.94 12.91
CA VAL A 204 26.93 9.19 12.95
C VAL A 204 26.66 7.70 12.99
N ILE A 205 25.67 7.28 13.80
CA ILE A 205 25.33 5.87 13.90
C ILE A 205 24.84 5.33 12.57
N ILE A 206 23.98 6.09 11.89
CA ILE A 206 23.45 5.65 10.60
C ILE A 206 24.57 5.55 9.57
N VAL A 207 25.47 6.53 9.54
CA VAL A 207 26.58 6.51 8.59
C VAL A 207 27.49 5.31 8.86
N ILE A 208 27.78 5.05 10.14
CA ILE A 208 28.64 3.92 10.49
C ILE A 208 27.98 2.61 10.09
N SER A 209 26.67 2.48 10.34
CA SER A 209 25.97 1.26 9.97
C SER A 209 25.96 1.06 8.47
N PHE A 210 25.72 2.13 7.70
CA PHE A 210 25.74 2.02 6.25
C PHE A 210 27.12 1.64 5.74
N LEU A 211 28.17 2.24 6.29
CA LEU A 211 29.53 1.91 5.88
C LEU A 211 29.87 0.46 6.20
N ARG A 212 29.46 -0.01 7.39
CA ARG A 212 29.71 -1.40 7.77
C ARG A 212 28.97 -2.36 6.85
N LEU A 213 27.72 -2.03 6.51
CA LEU A 213 26.96 -2.87 5.59
C LEU A 213 27.61 -2.90 4.21
N LEU A 214 28.08 -1.75 3.72
CA LEU A 214 28.75 -1.71 2.43
C LEU A 214 30.04 -2.52 2.45
N LEU A 215 30.81 -2.43 3.54
CA LEU A 215 32.04 -3.20 3.65
C LEU A 215 31.77 -4.70 3.75
N SER A 216 30.67 -5.09 4.40
CA SER A 216 30.35 -6.50 4.55
C SER A 216 30.00 -7.14 3.21
N LEU A 217 29.43 -6.37 2.28
CA LEU A 217 29.11 -6.91 0.96
C LEU A 217 30.37 -7.31 0.21
N ASP A 218 31.42 -6.50 0.29
CA ASP A 218 32.68 -6.86 -0.33
C ASP A 218 33.34 -8.05 0.35
N ASP A 219 33.06 -8.25 1.65
CA ASP A 219 33.62 -9.38 2.36
C ASP A 219 33.12 -10.70 1.78
N PHE A 220 31.82 -10.77 1.47
CA PHE A 220 31.27 -11.99 0.88
C PHE A 220 31.84 -12.24 -0.51
N ASN A 221 32.01 -11.18 -1.31
CA ASN A 221 32.58 -11.33 -2.63
C ASN A 221 34.03 -11.80 -2.56
N ASN A 222 34.80 -11.26 -1.62
CA ASN A 222 36.18 -11.69 -1.45
C ASN A 222 36.25 -13.12 -0.91
N TRP A 223 35.34 -13.47 0.00
CA TRP A 223 35.33 -14.83 0.55
C TRP A 223 35.00 -15.86 -0.53
N ILE A 224 34.07 -15.52 -1.43
CA ILE A 224 33.73 -16.43 -2.52
C ILE A 224 34.93 -16.66 -3.43
N SER A 225 35.64 -15.59 -3.77
CA SER A 225 36.84 -15.72 -4.58
C SER A 225 37.92 -16.51 -3.86
N LYS A 226 38.09 -16.27 -2.56
CA LYS A 226 39.05 -17.04 -1.78
C LYS A 226 38.66 -18.51 -1.70
N ALA A 227 37.37 -18.79 -1.52
CA ALA A 227 36.92 -20.17 -1.46
C ALA A 227 37.12 -20.88 -2.80
N ILE A 228 36.86 -20.20 -3.90
CA ILE A 228 37.04 -20.78 -5.23
C ILE A 228 37.31 -19.68 -6.25
N PRO A 265 20.23 21.76 -23.21
CA PRO A 265 20.88 22.15 -21.96
C PRO A 265 20.73 21.11 -20.87
N PRO A 266 21.75 20.96 -20.02
CA PRO A 266 21.69 19.98 -18.93
C PRO A 266 20.83 20.51 -17.79
N ARG A 267 20.69 19.68 -16.76
CA ARG A 267 19.91 20.07 -15.60
C ARG A 267 20.66 21.09 -14.76
N LEU A 268 19.91 21.91 -14.02
CA LEU A 268 20.52 23.01 -13.27
C LEU A 268 21.28 22.50 -12.06
N ARG A 269 20.76 21.47 -11.40
CA ARG A 269 21.34 20.83 -10.21
C ARG A 269 21.20 21.74 -8.98
N SER A 270 20.88 23.00 -9.19
CA SER A 270 20.51 23.88 -8.08
C SER A 270 19.01 23.80 -7.83
N VAL A 271 18.22 23.81 -8.90
CA VAL A 271 16.82 23.45 -8.79
C VAL A 271 16.69 22.02 -8.30
N ASP A 272 17.58 21.13 -8.75
CA ASP A 272 17.56 19.76 -8.29
C ASP A 272 17.89 19.66 -6.81
N THR A 273 18.89 20.41 -6.33
CA THR A 273 19.20 20.41 -4.91
C THR A 273 18.04 21.00 -4.09
N PHE A 274 17.41 22.06 -4.60
CA PHE A 274 16.25 22.64 -3.94
C PHE A 274 15.14 21.61 -3.81
N ARG A 275 14.82 20.93 -4.91
CA ARG A 275 13.75 19.93 -4.88
C ARG A 275 14.12 18.74 -4.02
N GLY A 276 15.40 18.38 -3.95
CA GLY A 276 15.81 17.31 -3.08
C GLY A 276 15.68 17.67 -1.61
N ILE A 277 16.02 18.90 -1.25
CA ILE A 277 15.84 19.35 0.13
C ILE A 277 14.34 19.34 0.48
N ALA A 278 13.52 19.86 -0.43
CA ALA A 278 12.07 19.86 -0.20
C ALA A 278 11.55 18.44 -0.07
N LEU A 279 12.04 17.52 -0.90
CA LEU A 279 11.58 16.14 -0.86
C LEU A 279 11.99 15.45 0.43
N ILE A 280 13.22 15.68 0.88
CA ILE A 280 13.68 15.08 2.14
C ILE A 280 12.85 15.60 3.31
N LEU A 281 12.63 16.91 3.35
CA LEU A 281 11.82 17.48 4.41
C LEU A 281 10.38 16.96 4.35
N MET A 282 9.83 16.81 3.15
CA MET A 282 8.48 16.30 3.01
C MET A 282 8.38 14.86 3.47
N VAL A 283 9.36 14.03 3.14
CA VAL A 283 9.34 12.64 3.59
C VAL A 283 9.48 12.57 5.09
N PHE A 284 10.27 13.46 5.69
CA PHE A 284 10.42 13.46 7.14
C PHE A 284 9.13 13.88 7.83
N VAL A 285 8.51 14.98 7.37
CA VAL A 285 7.34 15.50 8.07
C VAL A 285 6.06 14.75 7.72
N ASN A 286 6.03 14.03 6.59
CA ASN A 286 4.87 13.22 6.25
C ASN A 286 4.84 11.92 7.05
N TYR A 287 6.01 11.37 7.36
CA TYR A 287 6.10 10.17 8.18
C TYR A 287 5.89 10.45 9.65
N GLY A 288 5.76 11.71 10.05
CA GLY A 288 5.50 12.06 11.43
C GLY A 288 6.37 13.19 11.92
N GLY A 289 7.61 13.24 11.41
CA GLY A 289 8.54 14.26 11.86
C GLY A 289 8.87 14.16 13.33
N GLY A 290 9.02 12.93 13.84
CA GLY A 290 9.23 12.75 15.25
C GLY A 290 8.02 13.00 16.11
N LYS A 291 6.85 13.17 15.48
CA LYS A 291 5.60 13.52 16.15
C LYS A 291 5.71 14.85 16.90
N TYR A 292 6.66 15.70 16.52
CA TYR A 292 6.81 17.00 17.13
C TYR A 292 5.76 17.96 16.58
N TRP A 293 5.39 18.94 17.41
CA TRP A 293 4.34 19.87 17.00
C TRP A 293 4.80 20.77 15.87
N TYR A 294 6.08 21.12 15.82
CA TYR A 294 6.58 22.04 14.80
C TYR A 294 7.07 21.34 13.55
N PHE A 295 7.13 20.01 13.54
CA PHE A 295 7.36 19.26 12.31
C PHE A 295 6.07 18.78 11.68
N LYS A 296 4.93 19.11 12.28
CA LYS A 296 3.63 18.89 11.69
C LYS A 296 3.13 20.20 11.07
N HIS A 297 2.05 20.10 10.29
CA HIS A 297 1.47 21.29 9.72
C HIS A 297 0.82 22.13 10.80
N ALA A 298 0.86 23.45 10.61
CA ALA A 298 0.26 24.36 11.57
C ALA A 298 -1.23 24.11 11.66
N SER A 299 -1.80 24.35 12.84
CA SER A 299 -3.21 24.06 13.07
C SER A 299 -4.07 24.84 12.10
N TRP A 300 -4.10 26.17 12.20
CA TRP A 300 -4.69 26.98 11.16
C TRP A 300 -3.71 27.98 10.56
N ASN A 301 -3.11 28.84 11.38
CA ASN A 301 -2.32 29.96 10.88
C ASN A 301 -0.86 29.78 11.24
N GLY A 302 -0.02 30.63 10.65
CA GLY A 302 1.39 30.57 10.90
C GLY A 302 2.10 29.55 10.04
N LEU A 303 3.38 29.38 10.34
CA LEU A 303 4.27 28.54 9.54
C LEU A 303 4.98 27.55 10.46
N THR A 304 5.09 26.30 10.01
CA THR A 304 5.92 25.30 10.66
C THR A 304 6.85 24.70 9.61
N VAL A 305 7.71 23.78 10.04
CA VAL A 305 8.66 23.16 9.12
C VAL A 305 7.96 22.26 8.12
N ALA A 306 6.72 21.84 8.39
CA ALA A 306 5.97 21.02 7.46
C ALA A 306 5.10 21.84 6.50
N ASP A 307 5.00 23.14 6.69
CA ASP A 307 4.24 24.00 5.80
C ASP A 307 5.07 24.59 4.68
N LEU A 308 6.34 24.23 4.58
CA LEU A 308 7.25 24.84 3.62
C LEU A 308 7.45 24.02 2.36
N VAL A 309 7.31 22.69 2.45
CA VAL A 309 7.74 21.84 1.34
C VAL A 309 6.80 21.96 0.14
N PHE A 310 5.48 21.92 0.39
CA PHE A 310 4.53 21.98 -0.71
C PHE A 310 4.64 23.28 -1.51
N PRO A 311 4.68 24.46 -0.90
CA PRO A 311 4.90 25.67 -1.70
C PRO A 311 6.20 25.65 -2.48
N TRP A 312 7.25 25.10 -1.88
CA TRP A 312 8.51 24.96 -2.61
C TRP A 312 8.36 23.97 -3.76
N PHE A 313 7.54 22.94 -3.59
CA PHE A 313 7.30 22.02 -4.70
C PHE A 313 6.58 22.71 -5.85
N VAL A 314 5.61 23.57 -5.55
CA VAL A 314 4.93 24.29 -6.62
C VAL A 314 5.88 25.30 -7.28
N PHE A 315 6.71 25.96 -6.46
CA PHE A 315 7.69 26.91 -6.99
C PHE A 315 8.64 26.21 -7.95
N ILE A 316 9.21 25.08 -7.53
CA ILE A 316 10.11 24.32 -8.37
C ILE A 316 9.38 23.75 -9.57
N MET A 317 8.11 23.40 -9.43
CA MET A 317 7.33 22.92 -10.57
C MET A 317 7.22 24.00 -11.63
N GLY A 318 6.95 25.24 -11.23
CA GLY A 318 6.90 26.33 -12.19
C GLY A 318 8.25 26.60 -12.83
N SER A 319 9.31 26.60 -12.02
CA SER A 319 10.65 26.80 -12.55
C SER A 319 11.00 25.75 -13.60
N SER A 320 10.77 24.48 -13.25
CA SER A 320 11.04 23.39 -14.19
C SER A 320 10.11 23.45 -15.40
N ILE A 321 8.89 23.94 -15.22
CA ILE A 321 8.00 24.15 -16.36
C ILE A 321 8.65 25.08 -17.36
N PHE A 322 9.13 26.22 -16.89
CA PHE A 322 9.75 27.16 -17.83
C PHE A 322 11.01 26.58 -18.45
N LEU A 323 11.87 25.97 -17.62
CA LEU A 323 13.11 25.41 -18.15
C LEU A 323 12.84 24.37 -19.23
N SER A 324 11.98 23.39 -18.93
CA SER A 324 11.70 22.31 -19.87
C SER A 324 10.99 22.82 -21.12
N MET A 325 10.01 23.71 -20.94
CA MET A 325 9.28 24.21 -22.10
C MET A 325 10.18 25.00 -23.04
N THR A 326 11.03 25.87 -22.49
CA THR A 326 11.90 26.63 -23.36
C THR A 326 12.95 25.73 -24.01
N SER A 327 13.43 24.71 -23.30
CA SER A 327 14.36 23.76 -23.92
C SER A 327 13.71 23.03 -25.07
N ILE A 328 12.46 22.59 -24.89
CA ILE A 328 11.75 21.87 -25.94
C ILE A 328 11.49 22.78 -27.13
N LEU A 329 11.03 24.00 -26.88
CA LEU A 329 10.73 24.92 -27.99
C LEU A 329 11.99 25.30 -28.76
N GLN A 330 13.08 25.61 -28.05
CA GLN A 330 14.31 25.95 -28.75
C GLN A 330 15.00 24.73 -29.36
N ARG A 331 14.61 23.51 -28.96
CA ARG A 331 15.09 22.30 -29.61
C ARG A 331 14.37 22.01 -30.92
N GLY A 332 13.32 22.76 -31.25
CA GLY A 332 12.64 22.59 -32.52
C GLY A 332 11.47 21.63 -32.48
N CYS A 333 10.54 21.83 -31.55
CA CYS A 333 9.34 21.02 -31.44
C CYS A 333 8.11 21.92 -31.50
N SER A 334 7.05 21.41 -32.11
CA SER A 334 5.83 22.20 -32.28
C SER A 334 5.17 22.46 -30.93
N LYS A 335 4.45 23.58 -30.86
CA LYS A 335 3.77 23.94 -29.62
C LYS A 335 2.58 23.02 -29.35
N PHE A 336 2.02 22.40 -30.38
CA PHE A 336 0.86 21.53 -30.16
C PHE A 336 1.28 20.21 -29.53
N ARG A 337 2.46 19.69 -29.91
CA ARG A 337 2.98 18.50 -29.23
C ARG A 337 3.23 18.79 -27.76
N LEU A 338 3.79 19.96 -27.45
CA LEU A 338 3.98 20.32 -26.05
C LEU A 338 2.66 20.53 -25.33
N LEU A 339 1.65 21.06 -26.01
CA LEU A 339 0.33 21.18 -25.39
C LEU A 339 -0.25 19.82 -25.06
N GLY A 340 -0.12 18.87 -25.97
CA GLY A 340 -0.56 17.51 -25.67
C GLY A 340 0.21 16.90 -24.52
N LYS A 341 1.52 17.12 -24.48
CA LYS A 341 2.33 16.59 -23.38
C LYS A 341 1.92 17.20 -22.05
N ILE A 342 1.65 18.51 -22.03
CA ILE A 342 1.23 19.19 -20.81
C ILE A 342 -0.11 18.65 -20.35
N ALA A 343 -1.06 18.49 -21.28
CA ALA A 343 -2.38 17.99 -20.91
C ALA A 343 -2.29 16.56 -20.37
N TRP A 344 -1.49 15.72 -21.01
CA TRP A 344 -1.34 14.34 -20.54
C TRP A 344 -0.65 14.30 -19.18
N ARG A 345 0.35 15.16 -18.97
CA ARG A 345 1.03 15.18 -17.67
C ARG A 345 0.11 15.63 -16.56
N SER A 346 -0.68 16.68 -16.80
CA SER A 346 -1.62 17.14 -15.77
C SER A 346 -2.70 16.10 -15.50
N PHE A 347 -3.23 15.47 -16.56
CA PHE A 347 -4.23 14.42 -16.35
C PHE A 347 -3.66 13.25 -15.58
N LEU A 348 -2.42 12.85 -15.89
CA LEU A 348 -1.79 11.76 -15.17
C LEU A 348 -1.57 12.12 -13.71
N LEU A 349 -1.15 13.36 -13.44
CA LEU A 349 -0.97 13.78 -12.05
C LEU A 349 -2.29 13.73 -11.30
N ILE A 350 -3.35 14.25 -11.90
CA ILE A 350 -4.65 14.28 -11.23
C ILE A 350 -5.14 12.85 -10.96
N CYS A 351 -5.07 11.98 -11.97
CA CYS A 351 -5.55 10.61 -11.81
C CYS A 351 -4.71 9.85 -10.79
N ILE A 352 -3.38 9.98 -10.86
CA ILE A 352 -2.51 9.31 -9.91
C ILE A 352 -2.85 9.74 -8.50
N GLY A 353 -2.98 11.05 -8.28
CA GLY A 353 -3.29 11.53 -6.95
C GLY A 353 -4.62 11.01 -6.44
N ILE A 354 -5.67 11.12 -7.26
CA ILE A 354 -7.01 10.73 -6.83
C ILE A 354 -7.06 9.24 -6.51
N ILE A 355 -6.47 8.41 -7.38
CA ILE A 355 -6.61 6.96 -7.24
C ILE A 355 -5.62 6.36 -6.24
N ILE A 356 -4.46 6.98 -6.02
CA ILE A 356 -3.37 6.38 -5.28
C ILE A 356 -3.05 7.16 -4.01
N VAL A 357 -2.90 8.47 -4.12
CA VAL A 357 -2.33 9.24 -3.02
C VAL A 357 -3.40 9.65 -2.03
N ASN A 358 -4.52 10.18 -2.51
CA ASN A 358 -5.55 10.69 -1.60
C ASN A 358 -6.16 9.64 -0.70
N PRO A 359 -6.67 8.50 -1.20
CA PRO A 359 -7.45 7.62 -0.32
C PRO A 359 -6.57 6.72 0.52
N ASN A 360 -7.05 6.46 1.74
CA ASN A 360 -6.40 5.51 2.65
C ASN A 360 -7.07 4.15 2.42
N TYR A 361 -6.37 3.26 1.72
CA TYR A 361 -6.96 1.99 1.35
C TYR A 361 -6.94 0.97 2.46
N CYS A 362 -6.29 1.25 3.58
CA CYS A 362 -6.34 0.35 4.72
C CYS A 362 -7.70 0.35 5.39
N LEU A 363 -8.54 1.33 5.11
CA LEU A 363 -9.86 1.43 5.72
C LEU A 363 -10.95 0.73 4.92
N GLY A 364 -10.65 0.25 3.72
CA GLY A 364 -11.62 -0.46 2.92
C GLY A 364 -11.56 -0.09 1.45
N PRO A 365 -12.40 -0.73 0.64
CA PRO A 365 -12.42 -0.42 -0.78
C PRO A 365 -12.89 0.99 -1.05
N LEU A 366 -12.41 1.57 -2.14
CA LEU A 366 -12.69 2.95 -2.49
C LEU A 366 -14.12 3.08 -3.00
N SER A 367 -14.92 3.90 -2.33
CA SER A 367 -16.30 4.16 -2.73
C SER A 367 -16.43 5.61 -3.17
N TRP A 368 -17.15 5.83 -4.27
CA TRP A 368 -17.25 7.17 -4.83
C TRP A 368 -17.95 8.13 -3.89
N ASP A 369 -18.84 7.62 -3.02
CA ASP A 369 -19.57 8.50 -2.12
C ASP A 369 -18.68 9.14 -1.07
N LYS A 370 -17.43 8.69 -0.92
CA LYS A 370 -16.51 9.26 0.05
C LYS A 370 -15.12 9.46 -0.55
N VAL A 371 -15.04 9.63 -1.86
CA VAL A 371 -13.76 9.83 -2.53
C VAL A 371 -13.32 11.27 -2.35
N ARG A 372 -12.08 11.47 -1.90
CA ARG A 372 -11.53 12.81 -1.73
C ARG A 372 -11.06 13.31 -3.08
N ILE A 373 -11.86 14.17 -3.71
CA ILE A 373 -11.52 14.67 -5.04
C ILE A 373 -10.25 15.51 -5.05
N PRO A 374 -10.08 16.52 -4.18
CA PRO A 374 -8.89 17.36 -4.27
C PRO A 374 -7.77 16.87 -3.35
N GLY A 375 -6.55 17.02 -3.84
CA GLY A 375 -5.39 16.59 -3.10
C GLY A 375 -4.15 17.33 -3.56
N VAL A 376 -3.01 16.86 -3.06
CA VAL A 376 -1.74 17.49 -3.40
C VAL A 376 -1.44 17.33 -4.89
N LEU A 377 -1.56 16.10 -5.40
CA LEU A 377 -1.24 15.86 -6.80
C LEU A 377 -2.28 16.46 -7.73
N GLN A 378 -3.55 16.50 -7.32
CA GLN A 378 -4.55 17.18 -8.12
C GLN A 378 -4.25 18.67 -8.22
N ARG A 379 -3.87 19.29 -7.10
CA ARG A 379 -3.49 20.70 -7.13
C ARG A 379 -2.29 20.91 -8.03
N LEU A 380 -1.27 20.05 -7.89
CA LEU A 380 -0.09 20.17 -8.74
C LEU A 380 -0.44 20.03 -10.20
N GLY A 381 -1.28 19.07 -10.54
CA GLY A 381 -1.65 18.88 -11.93
C GLY A 381 -2.45 20.04 -12.50
N VAL A 382 -3.40 20.58 -11.72
CA VAL A 382 -4.23 21.67 -12.21
C VAL A 382 -3.38 22.93 -12.42
N THR A 383 -2.56 23.29 -11.44
CA THR A 383 -1.71 24.46 -11.63
C THR A 383 -0.64 24.23 -12.68
N TYR A 384 -0.15 23.00 -12.82
CA TYR A 384 0.77 22.69 -13.91
C TYR A 384 0.10 22.95 -15.25
N PHE A 385 -1.10 22.42 -15.45
CA PHE A 385 -1.81 22.65 -16.70
C PHE A 385 -1.99 24.14 -16.94
N VAL A 386 -2.49 24.87 -15.94
CA VAL A 386 -2.83 26.27 -16.16
C VAL A 386 -1.58 27.09 -16.49
N VAL A 387 -0.54 26.99 -15.64
CA VAL A 387 0.62 27.86 -15.83
C VAL A 387 1.46 27.41 -17.01
N ALA A 388 1.57 26.09 -17.26
CA ALA A 388 2.29 25.61 -18.42
C ALA A 388 1.60 26.01 -19.71
N VAL A 389 0.26 25.98 -19.74
CA VAL A 389 -0.45 26.44 -20.92
C VAL A 389 -0.25 27.94 -21.11
N LEU A 390 -0.27 28.70 -20.01
CA LEU A 390 0.03 30.12 -20.10
C LEU A 390 1.38 30.37 -20.74
N GLU A 391 2.41 29.66 -20.27
CA GLU A 391 3.74 29.82 -20.84
C GLU A 391 3.77 29.39 -22.30
N LEU A 392 3.07 28.30 -22.64
CA LEU A 392 3.09 27.80 -24.00
C LEU A 392 2.49 28.80 -24.97
N LEU A 393 1.29 29.31 -24.67
CA LEU A 393 0.69 30.32 -25.54
C LEU A 393 1.56 31.56 -25.61
N PHE A 394 1.95 32.09 -24.46
CA PHE A 394 2.75 33.32 -24.42
C PHE A 394 4.23 32.96 -24.26
N ALA A 395 4.74 32.27 -25.27
CA ALA A 395 6.13 31.80 -25.29
C ALA A 395 6.94 32.67 -26.24
N LYS A 396 7.99 33.29 -25.72
CA LYS A 396 8.93 34.02 -26.52
C LYS A 396 10.32 33.36 -26.44
N PRO A 397 11.09 33.38 -27.51
CA PRO A 397 12.43 32.78 -27.47
C PRO A 397 13.32 33.47 -26.45
N VAL A 398 14.20 32.68 -25.83
CA VAL A 398 15.09 33.19 -24.80
C VAL A 398 16.17 34.05 -25.48
N PRO A 399 16.27 35.33 -25.14
CA PRO A 399 17.30 36.17 -25.76
C PRO A 399 18.69 35.78 -25.28
N GLU A 400 19.65 35.83 -26.20
CA GLU A 400 21.05 35.54 -25.90
C GLU A 400 21.97 36.71 -26.18
N HIS A 401 21.83 37.36 -27.34
CA HIS A 401 22.68 38.48 -27.69
C HIS A 401 22.49 39.67 -26.77
N CYS A 402 21.33 39.78 -26.11
CA CYS A 402 21.10 40.88 -25.17
C CYS A 402 22.01 40.79 -23.95
N ALA A 403 22.55 39.61 -23.65
CA ALA A 403 23.45 39.43 -22.51
C ALA A 403 24.88 39.76 -22.91
N SER A 404 25.07 40.99 -23.37
CA SER A 404 26.38 41.50 -23.78
C SER A 404 26.92 42.58 -22.86
N GLU A 405 26.15 43.01 -21.87
CA GLU A 405 26.58 44.02 -20.92
C GLU A 405 27.09 43.36 -19.65
N ARG A 406 27.55 44.18 -18.71
CA ARG A 406 28.04 43.72 -17.41
C ARG A 406 27.04 44.11 -16.34
N SER A 407 26.47 43.10 -15.67
CA SER A 407 25.46 43.30 -14.64
C SER A 407 24.31 44.17 -15.15
N CYS A 408 23.66 43.69 -16.20
CA CYS A 408 22.62 44.46 -16.88
C CYS A 408 21.42 44.64 -15.97
N LEU A 409 20.98 45.89 -15.84
CA LEU A 409 19.79 46.22 -15.06
C LEU A 409 18.53 46.27 -15.94
N SER A 410 18.30 45.20 -16.69
CA SER A 410 17.18 45.13 -17.61
C SER A 410 16.05 44.31 -17.01
N LEU A 411 14.81 44.75 -17.22
CA LEU A 411 13.64 44.05 -16.76
C LEU A 411 13.07 43.11 -17.83
N ARG A 412 13.92 42.55 -18.67
CA ARG A 412 13.45 41.77 -19.82
C ARG A 412 12.63 40.56 -19.38
N ASP A 413 13.09 39.87 -18.34
CA ASP A 413 12.40 38.65 -17.90
C ASP A 413 10.98 38.91 -17.42
N ILE A 414 10.67 40.15 -17.05
CA ILE A 414 9.34 40.51 -16.58
C ILE A 414 8.49 41.09 -17.70
N THR A 415 9.01 42.08 -18.41
CA THR A 415 8.24 42.71 -19.49
C THR A 415 8.10 41.81 -20.72
N SER A 416 8.82 40.69 -20.79
CA SER A 416 8.62 39.74 -21.86
C SER A 416 7.46 38.80 -21.58
N SER A 417 6.82 38.91 -20.42
CA SER A 417 5.68 38.09 -20.02
C SER A 417 4.58 38.97 -19.45
N TRP A 418 4.31 40.10 -20.09
CA TRP A 418 3.21 40.95 -19.64
C TRP A 418 1.84 40.28 -19.72
N PRO A 419 1.49 39.49 -20.75
CA PRO A 419 0.15 38.87 -20.73
C PRO A 419 -0.03 37.87 -19.60
N GLN A 420 0.98 37.04 -19.35
CA GLN A 420 0.88 36.08 -18.25
C GLN A 420 0.86 36.79 -16.91
N TRP A 421 1.62 37.88 -16.76
CA TRP A 421 1.57 38.65 -15.53
C TRP A 421 0.19 39.28 -15.32
N LEU A 422 -0.41 39.79 -16.40
CA LEU A 422 -1.76 40.33 -16.29
C LEU A 422 -2.76 39.24 -15.89
N LEU A 423 -2.65 38.06 -16.49
CA LEU A 423 -3.54 36.96 -16.12
C LEU A 423 -3.35 36.55 -14.67
N ILE A 424 -2.10 36.50 -14.21
CA ILE A 424 -1.82 36.14 -12.82
C ILE A 424 -2.38 37.18 -11.87
N LEU A 425 -2.24 38.46 -12.21
CA LEU A 425 -2.80 39.52 -11.38
C LEU A 425 -4.32 39.44 -11.34
N VAL A 426 -4.95 39.13 -12.48
CA VAL A 426 -6.40 38.97 -12.50
C VAL A 426 -6.82 37.79 -11.62
N LEU A 427 -6.08 36.69 -11.70
CA LEU A 427 -6.39 35.54 -10.86
C LEU A 427 -6.22 35.86 -9.38
N GLU A 428 -5.16 36.59 -9.02
CA GLU A 428 -4.97 36.96 -7.63
C GLU A 428 -6.07 37.89 -7.15
N GLY A 429 -6.49 38.83 -7.99
CA GLY A 429 -7.64 39.65 -7.65
C GLY A 429 -8.90 38.82 -7.45
N LEU A 430 -9.08 37.79 -8.29
CA LEU A 430 -10.22 36.90 -8.12
C LEU A 430 -10.16 36.15 -6.79
N TRP A 431 -8.98 35.68 -6.42
CA TRP A 431 -8.83 34.98 -5.14
C TRP A 431 -9.14 35.92 -3.98
N LEU A 432 -8.62 37.14 -4.02
CA LEU A 432 -8.89 38.10 -2.95
C LEU A 432 -10.38 38.44 -2.89
N GLY A 433 -11.01 38.65 -4.05
CA GLY A 433 -12.42 38.97 -4.06
C GLY A 433 -13.28 37.84 -3.54
N LEU A 434 -13.00 36.61 -3.96
CA LEU A 434 -13.78 35.48 -3.47
C LEU A 434 -13.55 35.26 -1.98
N THR A 435 -12.32 35.44 -1.51
CA THR A 435 -12.03 35.23 -0.09
C THR A 435 -12.73 36.28 0.78
N PHE A 436 -12.60 37.56 0.42
CA PHE A 436 -13.03 38.65 1.28
C PHE A 436 -14.42 39.17 0.95
N LEU A 437 -15.10 38.65 -0.08
CA LEU A 437 -16.33 39.26 -0.52
C LEU A 437 -17.46 38.25 -0.69
N LEU A 438 -17.13 37.00 -0.94
CA LEU A 438 -18.17 36.00 -1.21
C LEU A 438 -19.00 35.76 0.03
N PRO A 439 -20.32 35.98 -0.02
CA PRO A 439 -21.16 35.79 1.17
C PRO A 439 -21.46 34.32 1.41
N VAL A 440 -20.88 33.78 2.49
CA VAL A 440 -21.11 32.40 2.89
C VAL A 440 -22.32 32.37 3.83
N PRO A 441 -23.35 31.59 3.53
CA PRO A 441 -24.51 31.54 4.43
C PRO A 441 -24.11 31.05 5.82
N GLY A 442 -24.68 31.70 6.84
CA GLY A 442 -24.34 31.36 8.21
C GLY A 442 -22.87 31.55 8.54
N CYS A 443 -22.25 32.59 7.96
CA CYS A 443 -20.82 32.82 8.13
C CYS A 443 -20.52 34.27 7.82
N PRO A 444 -19.63 34.92 8.55
CA PRO A 444 -19.26 36.29 8.21
C PRO A 444 -18.58 36.35 6.84
N THR A 445 -18.86 37.42 6.12
CA THR A 445 -18.21 37.63 4.83
C THR A 445 -16.73 37.88 5.03
N GLY A 446 -15.91 37.28 4.17
CA GLY A 446 -14.47 37.43 4.28
C GLY A 446 -13.87 36.80 5.51
N TYR A 447 -14.29 35.59 5.84
CA TYR A 447 -13.86 34.93 7.07
C TYR A 447 -12.64 34.06 6.78
N LEU A 448 -11.56 34.29 7.52
CA LEU A 448 -10.31 33.57 7.34
C LEU A 448 -9.99 32.64 8.50
N GLY A 449 -10.81 32.61 9.54
CA GLY A 449 -10.49 31.87 10.74
C GLY A 449 -10.71 30.38 10.57
N PRO A 450 -10.46 29.64 11.65
CA PRO A 450 -10.54 28.18 11.60
C PRO A 450 -11.88 27.59 11.97
N GLY A 451 -12.83 28.40 12.45
CA GLY A 451 -14.07 27.82 12.90
C GLY A 451 -13.89 27.03 14.19
N GLY A 452 -14.75 26.04 14.38
CA GLY A 452 -14.66 25.23 15.58
C GLY A 452 -14.83 26.08 16.83
N ILE A 453 -13.91 25.90 17.78
CA ILE A 453 -13.88 26.79 18.94
C ILE A 453 -13.02 28.02 18.70
N GLY A 454 -12.35 28.10 17.55
CA GLY A 454 -11.58 29.29 17.24
C GLY A 454 -12.47 30.48 16.97
N ASP A 455 -11.86 31.67 17.08
CA ASP A 455 -12.58 32.94 17.00
C ASP A 455 -13.74 32.97 17.99
N PHE A 456 -13.47 32.46 19.20
CA PHE A 456 -14.43 32.42 20.30
C PHE A 456 -15.65 31.55 19.97
N GLY A 457 -15.49 30.62 19.03
CA GLY A 457 -16.48 29.58 18.82
C GLY A 457 -17.79 30.04 18.24
N LYS A 458 -17.92 31.31 17.84
CA LYS A 458 -19.18 31.80 17.32
C LYS A 458 -19.48 31.33 15.91
N TYR A 459 -18.50 30.73 15.22
CA TYR A 459 -18.68 30.17 13.88
C TYR A 459 -18.11 28.76 13.87
N PRO A 460 -18.83 27.80 14.46
CA PRO A 460 -18.27 26.44 14.55
C PRO A 460 -18.17 25.74 13.20
N ASN A 461 -19.22 25.82 12.40
CA ASN A 461 -19.24 25.18 11.08
C ASN A 461 -18.84 26.17 9.99
N CYS A 462 -17.64 26.74 10.14
CA CYS A 462 -17.15 27.74 9.20
C CYS A 462 -15.67 27.58 8.93
N THR A 463 -15.16 26.35 8.96
CA THR A 463 -13.73 26.10 8.77
C THR A 463 -13.32 26.48 7.36
N GLY A 464 -12.56 27.57 7.23
CA GLY A 464 -12.03 28.01 5.95
C GLY A 464 -12.76 29.18 5.34
N GLY A 465 -13.98 29.47 5.77
CA GLY A 465 -14.72 30.58 5.22
C GLY A 465 -15.11 30.39 3.77
N ALA A 466 -14.67 31.31 2.91
CA ALA A 466 -15.07 31.28 1.51
C ALA A 466 -14.52 30.06 0.78
N ALA A 467 -13.26 29.71 1.03
CA ALA A 467 -12.69 28.52 0.38
C ALA A 467 -13.41 27.25 0.80
N GLY A 468 -13.67 27.12 2.11
CA GLY A 468 -14.42 25.97 2.58
C GLY A 468 -15.81 25.91 2.00
N TYR A 469 -16.48 27.05 1.90
CA TYR A 469 -17.81 27.09 1.32
C TYR A 469 -17.79 26.69 -0.15
N ILE A 470 -16.81 27.19 -0.91
CA ILE A 470 -16.70 26.85 -2.32
C ILE A 470 -16.46 25.36 -2.49
N ASP A 471 -15.57 24.78 -1.67
CA ASP A 471 -15.34 23.35 -1.73
C ASP A 471 -16.60 22.57 -1.39
N ARG A 472 -17.29 22.95 -0.31
CA ARG A 472 -18.48 22.23 0.11
C ARG A 472 -19.62 22.36 -0.88
N LEU A 473 -19.63 23.44 -1.66
CA LEU A 473 -20.68 23.63 -2.64
C LEU A 473 -20.39 22.86 -3.92
N LEU A 474 -19.18 23.03 -4.48
CA LEU A 474 -18.89 22.41 -5.77
C LEU A 474 -18.67 20.90 -5.64
N LEU A 475 -17.93 20.47 -4.61
CA LEU A 475 -17.57 19.07 -4.47
C LEU A 475 -18.34 18.32 -3.40
N GLY A 476 -18.89 19.02 -2.40
CA GLY A 476 -19.63 18.37 -1.35
C GLY A 476 -18.76 18.09 -0.13
N ASP A 477 -19.43 17.90 1.01
CA ASP A 477 -18.73 17.65 2.26
C ASP A 477 -17.96 16.33 2.22
N ASP A 478 -18.56 15.30 1.62
CA ASP A 478 -17.95 13.97 1.63
C ASP A 478 -16.73 13.89 0.73
N HIS A 479 -16.60 14.77 -0.26
CA HIS A 479 -15.48 14.76 -1.19
C HIS A 479 -14.35 15.70 -0.77
N LEU A 480 -14.19 15.93 0.53
CA LEU A 480 -13.17 16.83 1.05
C LEU A 480 -12.28 16.08 2.04
N TYR A 481 -11.39 16.83 2.69
CA TYR A 481 -10.52 16.27 3.71
C TYR A 481 -11.29 16.21 5.03
N GLN A 482 -11.47 15.00 5.55
CA GLN A 482 -12.23 14.82 6.78
C GLN A 482 -11.43 15.13 8.04
N HIS A 483 -10.11 15.24 7.93
CA HIS A 483 -9.24 15.49 9.08
C HIS A 483 -8.33 16.69 8.78
N PRO A 484 -8.89 17.90 8.79
CA PRO A 484 -8.07 19.08 8.50
C PRO A 484 -7.07 19.34 9.62
N SER A 485 -6.16 20.27 9.33
CA SER A 485 -5.11 20.60 10.30
C SER A 485 -5.68 21.23 11.56
N SER A 486 -6.78 21.98 11.44
CA SER A 486 -7.37 22.67 12.57
C SER A 486 -8.21 21.76 13.46
N ALA A 487 -8.50 20.54 13.02
CA ALA A 487 -9.39 19.66 13.77
C ALA A 487 -8.81 19.27 15.12
N VAL A 488 -7.50 19.36 15.31
CA VAL A 488 -6.88 18.91 16.54
C VAL A 488 -6.73 20.02 17.58
N LEU A 489 -6.76 21.28 17.17
CA LEU A 489 -6.60 22.39 18.10
C LEU A 489 -7.85 23.25 18.22
N TYR A 490 -8.51 23.58 17.10
CA TYR A 490 -9.71 24.40 17.14
C TYR A 490 -10.99 23.58 17.14
N HIS A 491 -10.89 22.25 17.11
CA HIS A 491 -12.03 21.35 17.24
C HIS A 491 -13.11 21.65 16.19
N THR A 492 -12.70 21.58 14.93
CA THR A 492 -13.63 21.78 13.83
C THR A 492 -14.40 20.50 13.56
N GLU A 493 -15.72 20.60 13.50
CA GLU A 493 -16.58 19.46 13.27
C GLU A 493 -16.94 19.26 11.81
N VAL A 494 -16.50 20.15 10.92
CA VAL A 494 -16.78 20.03 9.50
C VAL A 494 -15.51 19.63 8.77
N ALA A 495 -15.66 19.30 7.49
CA ALA A 495 -14.56 18.84 6.65
C ALA A 495 -14.06 20.00 5.80
N TYR A 496 -12.77 20.28 5.90
CA TYR A 496 -12.11 21.29 5.09
C TYR A 496 -10.86 20.69 4.46
N ASP A 497 -10.65 20.99 3.18
CA ASP A 497 -9.53 20.41 2.44
C ASP A 497 -8.51 21.48 2.15
N PRO A 498 -7.27 21.35 2.62
CA PRO A 498 -6.26 22.37 2.31
C PRO A 498 -6.02 22.56 0.83
N GLU A 499 -6.08 21.50 0.04
CA GLU A 499 -5.90 21.59 -1.41
C GLU A 499 -7.23 21.82 -2.12
N GLY A 500 -7.98 22.80 -1.66
CA GLY A 500 -9.33 23.04 -2.16
C GLY A 500 -9.34 23.64 -3.55
N ILE A 501 -10.49 24.22 -3.90
CA ILE A 501 -10.63 24.84 -5.21
C ILE A 501 -10.10 26.27 -5.18
N LEU A 502 -10.43 27.03 -4.14
CA LEU A 502 -10.02 28.43 -4.08
C LEU A 502 -8.50 28.56 -3.99
N GLY A 503 -7.85 27.72 -3.19
CA GLY A 503 -6.40 27.81 -3.04
C GLY A 503 -5.62 27.50 -4.29
N THR A 504 -6.25 26.89 -5.29
CA THR A 504 -5.55 26.59 -6.53
C THR A 504 -5.14 27.86 -7.26
N ILE A 505 -5.87 28.97 -7.05
CA ILE A 505 -5.45 30.23 -7.64
C ILE A 505 -4.11 30.68 -7.07
N ASN A 506 -3.96 30.59 -5.76
CA ASN A 506 -2.68 30.95 -5.14
C ASN A 506 -1.59 29.95 -5.49
N SER A 507 -1.96 28.68 -5.66
CA SER A 507 -0.97 27.70 -6.13
C SER A 507 -0.50 28.05 -7.54
N ILE A 508 -1.41 28.51 -8.39
CA ILE A 508 -1.04 28.96 -9.73
C ILE A 508 -0.13 30.16 -9.65
N VAL A 509 -0.42 31.09 -8.74
CA VAL A 509 0.42 32.27 -8.56
C VAL A 509 1.82 31.85 -8.12
N MET A 510 1.91 30.89 -7.22
CA MET A 510 3.22 30.39 -6.80
C MET A 510 3.96 29.69 -7.94
N ALA A 511 3.25 28.90 -8.73
CA ALA A 511 3.88 28.25 -9.86
C ALA A 511 4.39 29.29 -10.86
N PHE A 512 3.67 30.39 -11.02
CA PHE A 512 4.16 31.44 -11.90
C PHE A 512 5.33 32.20 -11.30
N LEU A 513 5.39 32.33 -9.97
CA LEU A 513 6.59 32.89 -9.36
C LEU A 513 7.80 31.96 -9.58
N GLY A 514 7.58 30.66 -9.52
CA GLY A 514 8.64 29.73 -9.90
C GLY A 514 9.03 29.87 -11.36
N VAL A 515 8.05 30.10 -12.22
CA VAL A 515 8.32 30.37 -13.63
C VAL A 515 9.19 31.62 -13.77
N GLN A 516 8.90 32.65 -12.98
CA GLN A 516 9.70 33.87 -13.00
C GLN A 516 11.13 33.59 -12.55
N ALA A 517 11.30 32.74 -11.54
CA ALA A 517 12.63 32.34 -11.12
C ALA A 517 13.37 31.62 -12.26
N GLY A 518 12.66 30.75 -12.97
CA GLY A 518 13.26 30.07 -14.11
C GLY A 518 13.65 31.04 -15.22
N LYS A 519 12.80 32.03 -15.48
CA LYS A 519 13.11 33.05 -16.48
C LYS A 519 14.34 33.84 -16.07
N ILE A 520 14.46 34.17 -14.79
CA ILE A 520 15.67 34.82 -14.29
C ILE A 520 16.88 33.92 -14.53
N LEU A 521 16.73 32.62 -14.25
CA LEU A 521 17.84 31.69 -14.37
C LEU A 521 18.30 31.53 -15.81
N LEU A 522 17.38 31.56 -16.77
CA LEU A 522 17.72 31.23 -18.15
C LEU A 522 17.96 32.45 -19.03
N TYR A 523 17.22 33.54 -18.84
CA TYR A 523 17.42 34.73 -19.66
C TYR A 523 18.84 35.27 -19.49
N TYR A 524 19.32 35.33 -18.26
CA TYR A 524 20.71 35.69 -17.96
C TYR A 524 21.39 34.44 -17.42
N LYS A 525 22.11 33.73 -18.28
CA LYS A 525 22.83 32.53 -17.89
C LYS A 525 24.31 32.76 -17.66
N ALA A 526 24.96 33.53 -18.54
CA ALA A 526 26.38 33.82 -18.36
C ALA A 526 26.61 34.79 -17.21
N ARG A 527 25.69 35.74 -17.00
CA ARG A 527 25.86 36.78 -15.98
C ARG A 527 25.30 36.26 -14.67
N THR A 528 26.12 35.51 -13.93
CA THR A 528 25.69 34.99 -12.63
C THR A 528 25.45 36.11 -11.62
N LYS A 529 26.19 37.21 -11.74
CA LYS A 529 25.92 38.36 -10.89
C LYS A 529 24.54 38.92 -11.14
N ASP A 530 24.12 38.94 -12.41
CA ASP A 530 22.76 39.36 -12.73
C ASP A 530 21.73 38.42 -12.13
N ILE A 531 21.99 37.11 -12.17
CA ILE A 531 21.08 36.14 -11.56
C ILE A 531 20.94 36.41 -10.07
N LEU A 532 22.07 36.63 -9.40
CA LEU A 532 22.04 36.88 -7.96
C LEU A 532 21.32 38.18 -7.65
N ILE A 533 21.53 39.22 -8.46
CA ILE A 533 20.86 40.49 -8.24
C ILE A 533 19.35 40.32 -8.37
N ARG A 534 18.91 39.61 -9.41
CA ARG A 534 17.47 39.39 -9.60
C ARG A 534 16.89 38.56 -8.47
N PHE A 535 17.61 37.53 -8.03
CA PHE A 535 17.11 36.68 -6.94
C PHE A 535 16.98 37.47 -5.65
N THR A 536 17.99 38.29 -5.33
CA THR A 536 17.92 39.12 -4.14
C THR A 536 16.78 40.12 -4.24
N ALA A 537 16.62 40.74 -5.40
CA ALA A 537 15.56 41.72 -5.58
C ALA A 537 14.19 41.09 -5.39
N TRP A 538 13.97 39.93 -6.02
CA TRP A 538 12.67 39.28 -5.92
C TRP A 538 12.41 38.77 -4.50
N CYS A 539 13.44 38.22 -3.84
CA CYS A 539 13.27 37.77 -2.47
C CYS A 539 12.93 38.94 -1.55
N CYS A 540 13.62 40.08 -1.72
CA CYS A 540 13.31 41.25 -0.90
C CYS A 540 11.90 41.77 -1.18
N ILE A 541 11.50 41.84 -2.45
CA ILE A 541 10.18 42.34 -2.79
C ILE A 541 9.10 41.45 -2.18
N LEU A 542 9.24 40.14 -2.34
CA LEU A 542 8.23 39.23 -1.81
C LEU A 542 8.24 39.20 -0.30
N GLY A 543 9.42 39.34 0.33
CA GLY A 543 9.46 39.43 1.78
C GLY A 543 8.78 40.69 2.30
N LEU A 544 8.99 41.82 1.63
CA LEU A 544 8.32 43.05 2.03
C LEU A 544 6.81 42.93 1.85
N ILE A 545 6.37 42.32 0.75
CA ILE A 545 4.94 42.13 0.53
C ILE A 545 4.35 41.23 1.62
N SER A 546 5.06 40.16 1.96
CA SER A 546 4.57 39.25 3.00
C SER A 546 4.54 39.91 4.36
N VAL A 547 5.54 40.73 4.67
CA VAL A 547 5.56 41.45 5.95
C VAL A 547 4.41 42.45 6.00
N ALA A 548 4.13 43.13 4.89
CA ALA A 548 3.00 44.04 4.86
C ALA A 548 1.68 43.30 5.03
N LEU A 549 1.56 42.12 4.42
CA LEU A 549 0.30 41.38 4.46
C LEU A 549 0.06 40.78 5.84
N THR A 550 0.99 39.96 6.31
CA THR A 550 0.81 39.25 7.57
C THR A 550 1.11 40.11 8.79
N LYS A 551 1.65 41.31 8.60
CA LYS A 551 1.98 42.23 9.69
C LYS A 551 2.92 41.56 10.70
N VAL A 552 3.85 40.74 10.19
CA VAL A 552 4.87 40.06 10.97
C VAL A 552 4.25 39.06 11.95
N SER A 553 3.20 39.48 12.65
CA SER A 553 2.56 38.60 13.63
C SER A 553 1.93 37.40 12.94
N GLU A 554 1.88 36.28 13.67
CA GLU A 554 1.39 35.03 13.10
C GLU A 554 -0.09 35.11 12.77
N ASN A 555 -0.91 35.54 13.72
CA ASN A 555 -2.36 35.53 13.54
C ASN A 555 -2.93 36.89 13.15
N GLU A 556 -2.17 37.96 13.30
CA GLU A 556 -2.64 39.29 12.93
C GLU A 556 -2.39 39.51 11.44
N GLY A 557 -2.63 40.72 10.96
CA GLY A 557 -2.43 41.05 9.57
C GLY A 557 -3.68 40.91 8.73
N PHE A 558 -3.62 41.46 7.52
CA PHE A 558 -4.75 41.39 6.60
C PHE A 558 -4.99 39.94 6.17
N ILE A 559 -3.94 39.28 5.69
CA ILE A 559 -4.03 37.88 5.26
C ILE A 559 -2.95 37.09 5.98
N PRO A 560 -3.20 36.56 7.17
CA PRO A 560 -2.15 35.85 7.90
C PRO A 560 -1.69 34.62 7.14
N VAL A 561 -0.43 34.25 7.38
CA VAL A 561 0.15 33.10 6.68
C VAL A 561 -0.64 31.85 7.04
N ASN A 562 -1.15 31.17 6.03
CA ASN A 562 -2.05 30.04 6.24
C ASN A 562 -1.86 29.03 5.12
N LYS A 563 -1.47 27.81 5.48
CA LYS A 563 -1.34 26.76 4.48
C LYS A 563 -2.69 26.20 4.06
N ASN A 564 -3.64 26.14 5.00
CA ASN A 564 -4.95 25.53 4.71
C ASN A 564 -5.69 26.32 3.63
N LEU A 565 -5.68 27.64 3.72
CA LEU A 565 -6.27 28.48 2.69
C LEU A 565 -5.31 28.80 1.56
N TRP A 566 -4.03 28.45 1.72
CA TRP A 566 -2.98 28.85 0.78
C TRP A 566 -3.00 30.38 0.60
N SER A 567 -2.90 31.07 1.73
CA SER A 567 -3.06 32.52 1.76
C SER A 567 -2.05 33.20 0.84
N LEU A 568 -2.40 34.41 0.40
CA LEU A 568 -1.48 35.16 -0.46
C LEU A 568 -0.19 35.48 0.29
N SER A 569 -0.28 35.80 1.58
CA SER A 569 0.93 36.00 2.36
C SER A 569 1.70 34.71 2.52
N TYR A 570 1.00 33.57 2.60
CA TYR A 570 1.68 32.27 2.59
C TYR A 570 2.48 32.09 1.32
N VAL A 571 1.86 32.38 0.17
CA VAL A 571 2.52 32.24 -1.12
C VAL A 571 3.73 33.16 -1.20
N THR A 572 3.57 34.41 -0.76
CA THR A 572 4.66 35.37 -0.89
C THR A 572 5.80 35.05 0.09
N THR A 573 5.47 34.65 1.32
CA THR A 573 6.51 34.29 2.27
C THR A 573 7.30 33.08 1.79
N LEU A 574 6.60 32.05 1.32
CA LEU A 574 7.30 30.86 0.86
C LEU A 574 8.04 31.10 -0.45
N SER A 575 7.56 32.05 -1.28
CA SER A 575 8.28 32.38 -2.49
C SER A 575 9.53 33.20 -2.19
N SER A 576 9.47 34.09 -1.19
CA SER A 576 10.66 34.78 -0.75
C SER A 576 11.67 33.80 -0.17
N PHE A 577 11.18 32.82 0.61
CA PHE A 577 12.07 31.77 1.11
C PHE A 577 12.70 30.98 -0.03
N ALA A 578 11.91 30.65 -1.05
CA ALA A 578 12.42 29.89 -2.18
C ALA A 578 13.44 30.72 -2.98
N PHE A 579 13.19 32.01 -3.14
CA PHE A 579 14.13 32.87 -3.83
C PHE A 579 15.44 33.00 -3.06
N PHE A 580 15.37 33.10 -1.72
CA PHE A 580 16.60 33.12 -0.94
C PHE A 580 17.33 31.79 -1.00
N ILE A 581 16.59 30.67 -0.98
CA ILE A 581 17.21 29.36 -1.09
C ILE A 581 17.91 29.22 -2.43
N LEU A 582 17.26 29.66 -3.51
CA LEU A 582 17.91 29.63 -4.82
C LEU A 582 19.11 30.56 -4.86
N LEU A 583 19.01 31.72 -4.20
CA LEU A 583 20.15 32.63 -4.14
C LEU A 583 21.34 31.97 -3.47
N VAL A 584 21.10 31.21 -2.40
CA VAL A 584 22.19 30.52 -1.73
C VAL A 584 22.71 29.37 -2.57
N LEU A 585 21.82 28.65 -3.25
CA LEU A 585 22.17 27.38 -3.88
C LEU A 585 22.81 27.57 -5.25
N TYR A 586 22.32 28.51 -6.06
CA TYR A 586 22.77 28.60 -7.43
C TYR A 586 24.27 28.85 -7.57
N PRO A 587 24.87 29.82 -6.86
CA PRO A 587 26.34 29.94 -6.96
C PRO A 587 27.06 28.71 -6.42
N VAL A 588 26.68 28.25 -5.24
CA VAL A 588 27.39 27.17 -4.56
C VAL A 588 27.36 25.89 -5.40
N VAL A 589 26.21 25.55 -5.96
CA VAL A 589 26.08 24.28 -6.67
C VAL A 589 26.33 24.40 -8.18
N ASP A 590 26.27 25.61 -8.74
CA ASP A 590 26.42 25.81 -10.17
C ASP A 590 27.67 26.60 -10.54
N VAL A 591 27.82 27.80 -10.00
CA VAL A 591 28.86 28.72 -10.48
C VAL A 591 30.15 28.46 -9.74
N LYS A 592 30.14 28.65 -8.42
CA LYS A 592 31.34 28.41 -7.63
C LYS A 592 31.72 26.95 -7.61
N GLY A 593 30.73 26.06 -7.48
CA GLY A 593 31.01 24.64 -7.45
C GLY A 593 31.52 24.12 -6.13
N LEU A 594 31.35 24.87 -5.05
CA LEU A 594 31.86 24.45 -3.74
C LEU A 594 31.10 23.28 -3.15
N TRP A 595 29.98 22.88 -3.76
CA TRP A 595 29.14 21.81 -3.23
C TRP A 595 28.28 21.29 -4.36
N THR A 596 28.15 19.98 -4.45
CA THR A 596 27.41 19.35 -5.54
C THR A 596 26.01 18.91 -5.12
N GLY A 597 25.52 19.40 -3.98
CA GLY A 597 24.26 18.93 -3.44
C GLY A 597 24.35 17.46 -3.09
N THR A 598 25.43 17.07 -2.41
CA THR A 598 25.85 15.67 -2.34
C THR A 598 24.75 14.71 -1.95
N PRO A 599 23.96 14.92 -0.89
CA PRO A 599 22.89 13.97 -0.57
C PRO A 599 21.51 14.34 -1.09
N PHE A 600 21.36 15.45 -1.81
CA PHE A 600 20.05 16.02 -2.08
C PHE A 600 19.56 15.84 -3.51
N PHE A 601 20.43 15.83 -4.51
CA PHE A 601 19.92 15.94 -5.88
C PHE A 601 19.35 14.64 -6.43
N TYR A 602 19.65 13.49 -5.83
CA TYR A 602 19.00 12.26 -6.28
C TYR A 602 17.49 12.30 -6.06
N PRO A 603 16.98 12.67 -4.88
CA PRO A 603 15.54 12.95 -4.80
C PRO A 603 15.10 14.07 -5.72
N GLY A 604 15.96 15.05 -5.98
CA GLY A 604 15.60 16.10 -6.91
C GLY A 604 15.27 15.57 -8.29
N MET A 605 16.01 14.56 -8.74
CA MET A 605 15.75 13.97 -10.04
C MET A 605 14.72 12.85 -10.01
N ASN A 606 14.42 12.28 -8.84
CA ASN A 606 13.40 11.24 -8.73
C ASN A 606 12.23 11.69 -7.85
N SER A 607 11.88 12.98 -7.94
CA SER A 607 10.82 13.56 -7.12
C SER A 607 9.50 12.80 -7.21
N ILE A 608 9.00 12.58 -8.43
CA ILE A 608 7.67 11.98 -8.56
C ILE A 608 7.69 10.54 -8.08
N LEU A 609 8.77 9.82 -8.39
CA LEU A 609 8.88 8.44 -7.91
C LEU A 609 8.93 8.40 -6.39
N VAL A 610 9.68 9.31 -5.77
CA VAL A 610 9.78 9.30 -4.31
C VAL A 610 8.46 9.69 -3.67
N TYR A 611 7.75 10.66 -4.24
CA TYR A 611 6.46 11.04 -3.68
C TYR A 611 5.46 9.89 -3.75
N VAL A 612 5.32 9.30 -4.94
CA VAL A 612 4.38 8.18 -5.07
C VAL A 612 4.81 7.03 -4.16
N GLY A 613 6.12 6.76 -4.09
CA GLY A 613 6.58 5.65 -3.29
C GLY A 613 6.32 5.83 -1.81
N HIS A 614 6.64 7.02 -1.27
CA HIS A 614 6.46 7.17 0.16
C HIS A 614 5.00 7.35 0.53
N GLU A 615 4.16 7.79 -0.43
CA GLU A 615 2.73 7.82 -0.17
C GLU A 615 2.09 6.45 -0.36
N VAL A 616 2.79 5.52 -1.00
CA VAL A 616 2.31 4.14 -1.13
C VAL A 616 2.92 3.24 -0.07
N PHE A 617 4.21 3.41 0.21
CA PHE A 617 4.96 2.57 1.14
C PHE A 617 5.11 3.22 2.51
N GLU A 618 4.09 3.93 2.99
CA GLU A 618 4.18 4.56 4.30
C GLU A 618 4.41 3.54 5.40
N ASN A 619 3.69 2.43 5.36
CA ASN A 619 3.65 1.48 6.46
C ASN A 619 4.62 0.32 6.30
N TYR A 620 5.42 0.29 5.24
CA TYR A 620 6.32 -0.83 5.01
C TYR A 620 7.48 -0.79 5.99
N PHE A 621 8.14 -1.94 6.15
CA PHE A 621 9.07 -2.09 7.28
C PHE A 621 10.22 -1.10 7.27
N PRO A 622 11.00 -0.94 6.19
CA PRO A 622 12.18 -0.07 6.29
C PRO A 622 11.83 1.37 6.61
N PHE A 623 10.60 1.79 6.32
CA PHE A 623 10.14 3.14 6.61
C PHE A 623 9.27 3.23 7.86
N GLN A 624 8.82 2.09 8.39
CA GLN A 624 7.95 2.10 9.56
C GLN A 624 7.95 0.73 10.19
N TRP A 625 8.29 0.65 11.48
CA TRP A 625 8.28 -0.60 12.21
C TRP A 625 7.64 -0.37 13.58
N LYS A 626 7.28 -1.47 14.23
CA LYS A 626 6.71 -1.37 15.57
C LYS A 626 7.72 -0.79 16.54
N LEU A 627 7.30 0.18 17.34
CA LEU A 627 8.18 0.90 18.24
C LEU A 627 8.08 0.35 19.66
N LYS A 628 9.20 0.39 20.37
CA LYS A 628 9.22 -0.09 21.75
C LYS A 628 8.28 0.72 22.63
N ASP A 629 8.31 2.05 22.49
CA ASP A 629 7.41 2.94 23.21
C ASP A 629 6.79 3.90 22.20
N ASN A 630 5.51 3.72 21.91
CA ASN A 630 4.84 4.55 20.93
C ASN A 630 4.65 6.00 21.40
N GLN A 631 4.86 6.27 22.68
CA GLN A 631 4.69 7.61 23.24
C GLN A 631 6.03 8.27 23.54
N SER A 632 7.07 7.91 22.80
CA SER A 632 8.39 8.49 22.97
C SER A 632 8.76 9.30 21.74
N HIS A 633 9.18 10.54 21.95
CA HIS A 633 9.56 11.39 20.83
C HIS A 633 10.85 10.93 20.19
N LYS A 634 11.79 10.42 20.98
CA LYS A 634 13.08 10.00 20.43
C LYS A 634 12.93 8.77 19.56
N GLU A 635 12.03 7.86 19.91
CA GLU A 635 11.83 6.66 19.09
C GLU A 635 11.19 7.02 17.76
N HIS A 636 10.16 7.87 17.78
CA HIS A 636 9.54 8.32 16.54
C HIS A 636 10.53 9.10 15.70
N LEU A 637 11.35 9.94 16.33
CA LEU A 637 12.34 10.70 15.59
C LEU A 637 13.36 9.79 14.92
N THR A 638 13.83 8.77 15.65
CA THR A 638 14.76 7.82 15.06
C THR A 638 14.12 7.09 13.88
N GLN A 639 12.87 6.67 14.04
CA GLN A 639 12.19 5.97 12.96
C GLN A 639 12.03 6.87 11.73
N ASN A 640 11.64 8.14 11.94
CA ASN A 640 11.41 9.04 10.82
C ASN A 640 12.72 9.43 10.13
N ILE A 641 13.78 9.65 10.90
CA ILE A 641 15.07 9.98 10.28
C ILE A 641 15.61 8.79 9.52
N VAL A 642 15.46 7.57 10.07
CA VAL A 642 15.90 6.38 9.35
C VAL A 642 15.11 6.20 8.06
N ALA A 643 13.80 6.43 8.12
CA ALA A 643 12.97 6.30 6.92
C ALA A 643 13.35 7.32 5.86
N THR A 644 13.59 8.57 6.27
CA THR A 644 14.00 9.60 5.32
C THR A 644 15.37 9.28 4.71
N ALA A 645 16.30 8.80 5.54
CA ALA A 645 17.61 8.42 5.02
C ALA A 645 17.49 7.25 4.05
N LEU A 646 16.58 6.32 4.32
CA LEU A 646 16.39 5.19 3.41
C LEU A 646 15.78 5.65 2.10
N TRP A 647 14.88 6.64 2.14
CA TRP A 647 14.34 7.15 0.88
C TRP A 647 15.41 7.90 0.09
N VAL A 648 16.30 8.62 0.79
CA VAL A 648 17.44 9.24 0.10
C VAL A 648 18.32 8.17 -0.53
N LEU A 649 18.54 7.07 0.19
CA LEU A 649 19.36 5.98 -0.34
C LEU A 649 18.71 5.34 -1.56
N ILE A 650 17.38 5.18 -1.53
CA ILE A 650 16.67 4.64 -2.69
C ILE A 650 16.81 5.56 -3.89
N ALA A 651 16.64 6.87 -3.67
CA ALA A 651 16.80 7.82 -4.77
C ALA A 651 18.23 7.81 -5.30
N TYR A 652 19.22 7.70 -4.42
CA TYR A 652 20.61 7.63 -4.85
C TYR A 652 20.87 6.37 -5.67
N ILE A 653 20.34 5.24 -5.21
CA ILE A 653 20.53 3.98 -5.94
C ILE A 653 19.92 4.08 -7.33
N LEU A 654 18.72 4.66 -7.44
CA LEU A 654 18.11 4.83 -8.75
C LEU A 654 18.88 5.83 -9.59
N TYR A 655 19.54 6.81 -8.97
CA TYR A 655 20.41 7.71 -9.71
C TYR A 655 21.60 6.96 -10.30
N ARG A 656 22.20 6.06 -9.52
CA ARG A 656 23.32 5.27 -10.03
C ARG A 656 22.88 4.39 -11.19
N LYS A 657 21.69 3.81 -11.10
CA LYS A 657 21.13 3.02 -12.19
C LYS A 657 20.55 3.87 -13.30
N LYS A 658 20.53 5.21 -13.12
CA LYS A 658 19.98 6.13 -14.12
C LYS A 658 18.53 5.81 -14.45
N ILE A 659 17.77 5.41 -13.44
CA ILE A 659 16.35 5.15 -13.56
C ILE A 659 15.62 6.39 -13.05
N PHE A 660 15.21 7.26 -13.95
CA PHE A 660 14.48 8.47 -13.61
C PHE A 660 13.07 8.34 -14.16
N TRP A 661 12.10 8.13 -13.27
CA TRP A 661 10.71 8.11 -13.68
C TRP A 661 10.23 9.54 -13.89
N LYS A 662 9.73 9.83 -15.09
CA LYS A 662 9.16 11.13 -15.40
C LYS A 662 7.77 10.92 -15.99
N ILE A 663 6.89 11.89 -15.77
CA ILE A 663 5.52 11.78 -16.24
C ILE A 663 5.36 12.51 -17.57
N ALA B 75 -31.38 -9.83 3.42
CA ALA B 75 -31.75 -10.55 4.63
C ALA B 75 -30.52 -10.91 5.46
N GLU B 76 -30.72 -11.75 6.48
CA GLU B 76 -29.62 -12.17 7.34
C GLU B 76 -28.75 -13.25 6.71
N LEU B 77 -29.20 -13.87 5.62
CA LEU B 77 -28.43 -14.92 4.98
C LEU B 77 -27.16 -14.35 4.35
N LYS B 78 -26.05 -15.04 4.54
CA LYS B 78 -24.77 -14.63 3.98
C LYS B 78 -24.61 -15.20 2.57
N MET B 79 -23.46 -14.98 1.96
CA MET B 79 -23.14 -15.54 0.66
C MET B 79 -22.66 -16.98 0.83
N ASP B 80 -23.05 -17.83 -0.13
CA ASP B 80 -22.76 -19.26 -0.07
C ASP B 80 -23.30 -19.89 1.20
N GLN B 81 -24.49 -19.44 1.60
CA GLN B 81 -25.19 -20.00 2.76
C GLN B 81 -26.67 -20.11 2.45
N ALA B 82 -27.31 -21.09 3.07
CA ALA B 82 -28.75 -21.33 2.90
C ALA B 82 -29.40 -21.36 4.27
N LEU B 83 -30.58 -20.76 4.37
CA LEU B 83 -31.29 -20.72 5.63
C LEU B 83 -32.12 -21.99 5.78
N LEU B 84 -31.81 -22.78 6.81
CA LEU B 84 -32.45 -24.07 7.05
C LEU B 84 -33.34 -23.98 8.27
N LEU B 85 -34.65 -23.93 8.05
CA LEU B 85 -35.61 -23.96 9.14
C LEU B 85 -35.90 -25.40 9.52
N ILE B 86 -35.91 -25.68 10.82
CA ILE B 86 -36.14 -27.03 11.32
C ILE B 86 -37.40 -27.01 12.20
N HIS B 87 -38.36 -27.87 11.86
CA HIS B 87 -39.59 -28.01 12.62
C HIS B 87 -39.68 -29.44 13.12
N ASN B 88 -39.85 -29.60 14.44
CA ASN B 88 -39.92 -30.91 15.08
C ASN B 88 -41.35 -31.13 15.56
N GLU B 89 -42.10 -31.94 14.83
CA GLU B 89 -43.44 -32.32 15.27
C GLU B 89 -43.41 -33.30 16.43
N LEU B 90 -42.25 -33.84 16.78
CA LEU B 90 -42.14 -34.75 17.92
C LEU B 90 -42.40 -34.01 19.22
N LEU B 91 -42.97 -34.72 20.18
CA LEU B 91 -43.35 -34.11 21.46
C LEU B 91 -42.24 -34.25 22.50
N TRP B 92 -41.86 -35.48 22.81
CA TRP B 92 -40.83 -35.75 23.83
C TRP B 92 -39.46 -35.88 23.19
N THR B 93 -39.04 -34.83 22.50
CA THR B 93 -37.75 -34.81 21.82
C THR B 93 -37.08 -33.46 22.01
N ASN B 94 -35.77 -33.48 22.21
CA ASN B 94 -34.96 -32.28 22.36
C ASN B 94 -33.92 -32.25 21.24
N LEU B 95 -34.40 -32.47 20.01
CA LEU B 95 -33.52 -32.75 18.89
C LEU B 95 -32.46 -31.68 18.70
N THR B 96 -31.22 -32.12 18.46
CA THR B 96 -30.15 -31.24 18.04
C THR B 96 -29.71 -31.64 16.64
N VAL B 97 -29.28 -30.66 15.86
CA VAL B 97 -28.94 -30.84 14.45
C VAL B 97 -27.44 -30.67 14.30
N TYR B 98 -26.78 -31.72 13.82
CA TYR B 98 -25.34 -31.73 13.63
C TYR B 98 -25.04 -31.60 12.14
N TRP B 99 -24.10 -30.73 11.79
CA TRP B 99 -23.77 -30.45 10.40
C TRP B 99 -22.32 -30.80 10.12
N LYS B 100 -22.05 -31.23 8.89
CA LYS B 100 -20.70 -31.57 8.46
C LYS B 100 -20.65 -31.45 6.95
N SER B 101 -19.75 -30.62 6.44
CA SER B 101 -19.65 -30.42 5.00
C SER B 101 -19.25 -31.72 4.32
N GLU B 102 -19.79 -31.92 3.11
CA GLU B 102 -19.61 -33.20 2.42
C GLU B 102 -18.14 -33.45 2.08
N CYS B 103 -17.43 -32.43 1.62
CA CYS B 103 -16.09 -32.65 1.07
C CYS B 103 -15.05 -32.92 2.13
N CYS B 104 -15.30 -32.58 3.39
CA CYS B 104 -14.33 -32.83 4.43
C CYS B 104 -14.09 -34.33 4.57
N TYR B 105 -12.83 -34.71 4.75
CA TYR B 105 -12.48 -36.13 4.75
C TYR B 105 -13.07 -36.84 5.96
N HIS B 106 -12.66 -36.44 7.16
CA HIS B 106 -13.18 -37.02 8.40
C HIS B 106 -13.38 -35.88 9.38
N CYS B 107 -14.58 -35.30 9.38
CA CYS B 107 -14.91 -34.16 10.22
C CYS B 107 -15.82 -34.59 11.36
N LEU B 108 -15.55 -34.06 12.54
CA LEU B 108 -16.52 -34.16 13.62
C LEU B 108 -17.77 -33.37 13.27
N PHE B 109 -18.92 -33.86 13.71
CA PHE B 109 -20.19 -33.21 13.44
C PHE B 109 -20.34 -32.04 14.40
N GLN B 110 -20.11 -30.83 13.91
CA GLN B 110 -20.31 -29.65 14.72
C GLN B 110 -21.80 -29.39 14.92
N VAL B 111 -22.14 -28.85 16.08
CA VAL B 111 -23.53 -28.52 16.37
C VAL B 111 -23.95 -27.33 15.50
N LEU B 112 -25.06 -27.48 14.79
CA LEU B 112 -25.57 -26.41 13.94
C LEU B 112 -26.54 -25.52 14.71
N VAL B 113 -27.65 -26.11 15.18
CA VAL B 113 -28.62 -25.42 16.02
C VAL B 113 -29.22 -26.44 16.97
N ASN B 114 -29.74 -25.96 18.09
CA ASN B 114 -30.45 -26.79 19.05
C ASN B 114 -31.94 -26.52 18.92
N VAL B 115 -32.70 -27.57 18.61
CA VAL B 115 -34.14 -27.47 18.42
C VAL B 115 -34.81 -27.88 19.73
N PRO B 116 -35.58 -27.00 20.37
CA PRO B 116 -36.21 -27.37 21.64
C PRO B 116 -37.47 -28.19 21.42
N GLN B 117 -37.95 -28.78 22.51
CA GLN B 117 -39.17 -29.58 22.45
C GLN B 117 -40.39 -28.72 22.14
N SER B 118 -41.32 -29.28 21.39
CA SER B 118 -42.54 -28.55 21.05
C SER B 118 -43.37 -28.34 22.31
N PRO B 119 -43.80 -27.10 22.59
CA PRO B 119 -44.61 -26.86 23.80
C PRO B 119 -45.91 -27.65 23.81
N LYS B 120 -46.53 -27.87 22.65
CA LYS B 120 -47.78 -28.60 22.58
C LYS B 120 -47.91 -29.23 21.21
N ALA B 121 -48.81 -30.21 21.11
CA ALA B 121 -49.04 -30.88 19.83
C ALA B 121 -49.67 -29.93 18.83
N GLY B 122 -49.29 -30.09 17.57
CA GLY B 122 -49.80 -29.25 16.51
C GLY B 122 -48.88 -28.12 16.14
N LYS B 123 -48.26 -27.50 17.15
CA LYS B 123 -47.34 -26.39 16.94
C LYS B 123 -45.91 -26.85 17.20
N PRO B 124 -45.10 -27.03 16.17
CA PRO B 124 -43.71 -27.47 16.37
C PRO B 124 -42.77 -26.29 16.61
N SER B 125 -41.65 -26.60 17.25
CA SER B 125 -40.62 -25.59 17.49
C SER B 125 -39.84 -25.33 16.20
N ALA B 126 -39.50 -24.07 15.97
CA ALA B 126 -38.81 -23.64 14.76
C ALA B 126 -37.43 -23.12 15.13
N ALA B 127 -36.42 -23.57 14.39
CA ALA B 127 -35.05 -23.14 14.58
C ALA B 127 -34.48 -22.66 13.26
N ALA B 128 -33.74 -21.56 13.30
CA ALA B 128 -33.15 -20.96 12.11
C ALA B 128 -31.65 -21.21 12.09
N ALA B 129 -31.16 -21.75 10.99
CA ALA B 129 -29.74 -22.05 10.84
C ALA B 129 -29.29 -21.70 9.43
N SER B 130 -28.00 -21.46 9.29
CA SER B 130 -27.39 -21.13 8.01
C SER B 130 -26.43 -22.26 7.64
N VAL B 131 -26.87 -23.14 6.75
CA VAL B 131 -26.04 -24.26 6.30
C VAL B 131 -25.13 -23.79 5.18
N SER B 132 -23.84 -24.13 5.27
CA SER B 132 -22.89 -23.74 4.25
C SER B 132 -23.15 -24.53 2.98
N THR B 133 -23.63 -23.84 1.93
CA THR B 133 -23.96 -24.48 0.66
C THR B 133 -22.86 -24.30 -0.37
N GLN B 134 -21.60 -24.28 0.05
CA GLN B 134 -20.51 -24.26 -0.93
C GLN B 134 -20.52 -25.51 -1.78
N HIS B 135 -20.54 -26.67 -1.14
CA HIS B 135 -20.69 -27.93 -1.87
C HIS B 135 -21.20 -28.98 -0.88
N GLY B 136 -22.50 -29.26 -0.94
CA GLY B 136 -23.09 -30.31 -0.14
C GLY B 136 -23.23 -29.97 1.33
N SER B 137 -23.89 -30.85 2.08
CA SER B 137 -24.05 -30.70 3.52
C SER B 137 -24.63 -32.00 4.07
N ILE B 138 -24.07 -32.47 5.18
CA ILE B 138 -24.57 -33.65 5.88
C ILE B 138 -25.17 -33.19 7.19
N LEU B 139 -26.46 -33.42 7.37
CA LEU B 139 -27.17 -33.06 8.59
C LEU B 139 -27.57 -34.33 9.32
N GLN B 140 -27.10 -34.48 10.55
CA GLN B 140 -27.42 -35.63 11.39
C GLN B 140 -28.12 -35.14 12.65
N LEU B 141 -29.28 -35.72 12.93
CA LEU B 141 -30.11 -35.31 14.06
C LEU B 141 -30.13 -36.43 15.08
N ASN B 142 -29.55 -36.19 16.26
CA ASN B 142 -29.62 -37.12 17.36
C ASN B 142 -30.19 -36.41 18.58
N ASP B 143 -30.85 -37.16 19.45
CA ASP B 143 -31.50 -36.57 20.61
C ASP B 143 -30.47 -36.00 21.58
N THR B 144 -30.81 -34.86 22.18
CA THR B 144 -29.91 -34.25 23.15
C THR B 144 -29.71 -35.15 24.36
N LEU B 145 -30.80 -35.61 24.97
CA LEU B 145 -30.75 -36.55 26.07
C LEU B 145 -30.85 -37.97 25.52
N GLU B 146 -30.00 -38.86 26.04
CA GLU B 146 -29.86 -40.22 25.54
C GLU B 146 -29.56 -40.20 24.04
N GLU B 147 -28.39 -39.67 23.71
CA GLU B 147 -28.00 -39.40 22.33
C GLU B 147 -28.21 -40.60 21.44
N LYS B 148 -29.12 -40.47 20.48
CA LYS B 148 -29.41 -41.52 19.52
C LYS B 148 -29.91 -40.87 18.24
N GLU B 149 -29.31 -41.22 17.12
CA GLU B 149 -29.68 -40.60 15.85
C GLU B 149 -31.12 -40.92 15.50
N VAL B 150 -31.87 -39.88 15.14
CA VAL B 150 -33.25 -40.04 14.73
C VAL B 150 -33.42 -39.89 13.21
N CYS B 151 -32.50 -39.22 12.54
CA CYS B 151 -32.59 -39.00 11.10
C CYS B 151 -31.26 -38.54 10.54
N ARG B 152 -30.74 -39.25 9.55
CA ARG B 152 -29.49 -38.90 8.89
C ARG B 152 -29.83 -38.40 7.49
N LEU B 153 -29.60 -37.11 7.24
CA LEU B 153 -29.99 -36.47 5.99
C LEU B 153 -28.76 -35.93 5.29
N GLU B 154 -28.58 -36.31 4.03
CA GLU B 154 -27.51 -35.80 3.17
C GLU B 154 -28.15 -35.01 2.04
N TYR B 155 -27.73 -33.76 1.88
CA TYR B 155 -28.29 -32.92 0.84
C TYR B 155 -27.23 -31.95 0.34
N ARG B 156 -27.41 -31.50 -0.90
CA ARG B 156 -26.55 -30.50 -1.52
C ARG B 156 -27.35 -29.20 -1.60
N PHE B 157 -27.20 -28.36 -0.58
CA PHE B 157 -27.99 -27.15 -0.48
C PHE B 157 -27.61 -26.16 -1.57
N GLY B 158 -28.48 -25.19 -1.81
CA GLY B 158 -28.23 -24.15 -2.77
C GLY B 158 -28.06 -22.79 -2.12
N GLU B 159 -27.48 -21.84 -2.85
CA GLU B 159 -27.25 -20.52 -2.29
C GLU B 159 -28.56 -19.78 -2.07
N PHE B 160 -28.66 -19.11 -0.92
CA PHE B 160 -29.85 -18.32 -0.58
C PHE B 160 -31.12 -19.17 -0.65
N GLY B 161 -31.02 -20.41 -0.16
CA GLY B 161 -32.15 -21.31 -0.11
C GLY B 161 -32.82 -21.25 1.25
N ASN B 162 -34.15 -21.22 1.23
CA ASN B 162 -34.97 -21.13 2.45
C ASN B 162 -35.50 -22.49 2.86
N TYR B 163 -34.69 -23.54 2.68
CA TYR B 163 -35.15 -24.90 2.93
C TYR B 163 -35.70 -25.06 4.33
N SER B 164 -36.84 -25.73 4.45
CA SER B 164 -37.47 -26.00 5.73
C SER B 164 -37.42 -27.50 6.00
N LEU B 165 -36.82 -27.88 7.12
CA LEU B 165 -36.71 -29.28 7.52
C LEU B 165 -37.87 -29.59 8.47
N LEU B 166 -38.65 -30.61 8.12
CA LEU B 166 -39.80 -31.01 8.92
C LEU B 166 -39.58 -32.45 9.37
N VAL B 167 -39.14 -32.61 10.62
CA VAL B 167 -39.05 -33.92 11.25
C VAL B 167 -40.32 -34.13 12.08
N LYS B 168 -41.06 -35.19 11.77
CA LYS B 168 -42.37 -35.40 12.35
C LYS B 168 -42.47 -36.82 12.90
N ASN B 169 -43.27 -36.97 13.96
CA ASN B 169 -43.55 -38.28 14.53
C ASN B 169 -44.57 -39.00 13.66
N ILE B 170 -44.23 -40.21 13.22
CA ILE B 170 -45.10 -40.96 12.34
C ILE B 170 -45.48 -42.29 12.99
N ILE B 177 -40.23 -41.37 13.39
CA ILE B 177 -39.07 -40.53 13.10
C ILE B 177 -38.86 -40.42 11.59
N ALA B 178 -39.49 -39.43 10.98
CA ALA B 178 -39.39 -39.19 9.55
C ALA B 178 -38.92 -37.77 9.29
N CYS B 179 -38.33 -37.56 8.12
CA CYS B 179 -37.75 -36.28 7.74
C CYS B 179 -38.41 -35.74 6.47
N ASP B 180 -38.52 -34.42 6.39
CA ASP B 180 -39.00 -33.73 5.20
C ASP B 180 -38.04 -32.59 4.88
N LEU B 181 -37.87 -32.34 3.59
CA LEU B 181 -36.93 -31.34 3.10
C LEU B 181 -37.66 -30.36 2.17
N ALA B 182 -38.79 -29.84 2.63
CA ALA B 182 -39.55 -28.87 1.86
C ALA B 182 -38.70 -27.63 1.59
N VAL B 183 -38.71 -27.19 0.33
CA VAL B 183 -37.93 -26.04 -0.11
C VAL B 183 -38.88 -24.85 -0.13
N ASN B 184 -38.78 -23.98 0.89
CA ASN B 184 -39.66 -22.83 0.98
C ASN B 184 -39.32 -21.74 -0.04
N GLU B 185 -38.12 -21.78 -0.62
CA GLU B 185 -37.74 -20.82 -1.66
C GLU B 185 -36.68 -21.45 -2.54
N ASP B 186 -36.83 -21.32 -3.84
CA ASP B 186 -35.90 -21.93 -4.77
C ASP B 186 -34.52 -21.32 -4.62
N PRO B 187 -33.45 -22.11 -4.67
CA PRO B 187 -32.11 -21.57 -4.52
C PRO B 187 -31.66 -20.80 -5.75
N VAL B 188 -30.69 -19.92 -5.53
CA VAL B 188 -30.03 -19.20 -6.62
C VAL B 188 -28.72 -19.89 -6.93
N ASP B 189 -28.50 -20.22 -8.20
CA ASP B 189 -27.30 -20.96 -8.58
C ASP B 189 -26.04 -20.14 -8.29
N SER B 190 -26.00 -18.92 -8.79
CA SER B 190 -24.90 -17.97 -8.60
C SER B 190 -23.55 -18.50 -9.08
N ASN B 191 -23.53 -19.67 -9.73
CA ASN B 191 -22.32 -20.22 -10.29
C ASN B 191 -22.43 -20.55 -11.78
N LEU B 192 -23.55 -21.13 -12.19
CA LEU B 192 -23.78 -21.43 -13.60
C LEU B 192 -24.22 -20.16 -14.33
N PRO B 193 -25.25 -19.46 -13.84
CA PRO B 193 -25.70 -18.25 -14.54
C PRO B 193 -24.67 -17.13 -14.55
N VAL B 194 -23.67 -17.17 -13.67
CA VAL B 194 -22.71 -16.07 -13.55
C VAL B 194 -21.44 -16.42 -14.32
N SER B 195 -21.07 -17.70 -14.35
CA SER B 195 -19.83 -18.14 -14.98
C SER B 195 -20.08 -19.02 -16.21
N ILE B 196 -21.26 -18.94 -16.81
CA ILE B 196 -21.57 -19.71 -18.00
C ILE B 196 -21.83 -18.78 -19.17
N ALA B 197 -22.85 -17.95 -19.06
CA ALA B 197 -23.18 -16.96 -20.08
C ALA B 197 -22.85 -15.53 -19.64
N PHE B 198 -22.97 -15.22 -18.35
CA PHE B 198 -22.57 -13.91 -17.87
C PHE B 198 -21.07 -13.70 -18.06
N LEU B 199 -20.29 -14.78 -18.10
CA LEU B 199 -18.87 -14.65 -18.39
C LEU B 199 -18.64 -14.10 -19.79
N ILE B 200 -19.32 -14.67 -20.79
CA ILE B 200 -19.20 -14.16 -22.15
C ILE B 200 -19.77 -12.76 -22.26
N GLY B 201 -20.87 -12.49 -21.56
CA GLY B 201 -21.43 -11.15 -21.56
C GLY B 201 -20.47 -10.11 -21.01
N LEU B 202 -19.81 -10.45 -19.90
CA LEU B 202 -18.82 -9.53 -19.31
C LEU B 202 -17.60 -9.39 -20.21
N ALA B 203 -17.20 -10.46 -20.88
CA ALA B 203 -16.11 -10.34 -21.84
C ALA B 203 -16.47 -9.37 -22.97
N VAL B 204 -17.69 -9.48 -23.49
CA VAL B 204 -18.14 -8.55 -24.52
C VAL B 204 -18.18 -7.13 -23.98
N ILE B 205 -18.64 -6.97 -22.74
CA ILE B 205 -18.75 -5.64 -22.14
C ILE B 205 -17.38 -5.00 -22.00
N ILE B 206 -16.40 -5.75 -21.48
CA ILE B 206 -15.07 -5.20 -21.28
C ILE B 206 -14.40 -4.93 -22.63
N VAL B 207 -14.62 -5.80 -23.62
CA VAL B 207 -14.05 -5.55 -24.95
C VAL B 207 -14.63 -4.27 -25.55
N ILE B 208 -15.94 -4.08 -25.43
CA ILE B 208 -16.57 -2.87 -25.96
C ILE B 208 -16.07 -1.64 -25.22
N SER B 209 -15.94 -1.73 -23.90
CA SER B 209 -15.46 -0.59 -23.12
C SER B 209 -14.04 -0.22 -23.51
N PHE B 210 -13.16 -1.22 -23.65
CA PHE B 210 -11.78 -0.94 -24.04
C PHE B 210 -11.71 -0.35 -25.44
N LEU B 211 -12.51 -0.89 -26.38
CA LEU B 211 -12.52 -0.35 -27.73
C LEU B 211 -13.01 1.09 -27.75
N ARG B 212 -14.07 1.39 -26.99
CA ARG B 212 -14.59 2.75 -26.93
C ARG B 212 -13.57 3.70 -26.31
N LEU B 213 -12.90 3.26 -25.25
CA LEU B 213 -11.88 4.11 -24.63
C LEU B 213 -10.72 4.37 -25.58
N LEU B 214 -10.29 3.35 -26.32
CA LEU B 214 -9.21 3.54 -27.28
C LEU B 214 -9.61 4.47 -28.41
N LEU B 215 -10.83 4.31 -28.93
CA LEU B 215 -11.26 5.13 -30.07
C LEU B 215 -11.52 6.57 -29.66
N SER B 216 -12.22 6.78 -28.54
CA SER B 216 -12.57 8.14 -28.12
C SER B 216 -11.34 8.94 -27.74
N LEU B 217 -10.38 8.32 -27.05
CA LEU B 217 -9.19 9.04 -26.63
C LEU B 217 -8.39 9.53 -27.82
N ASP B 218 -8.23 8.69 -28.84
CA ASP B 218 -7.53 9.12 -30.06
C ASP B 218 -8.37 10.06 -30.91
N ASP B 219 -9.70 10.01 -30.78
CA ASP B 219 -10.55 10.89 -31.56
C ASP B 219 -10.34 12.35 -31.17
N PHE B 220 -10.19 12.63 -29.88
CA PHE B 220 -9.97 14.00 -29.44
C PHE B 220 -8.65 14.55 -29.97
N ASN B 221 -7.60 13.72 -29.96
CA ASN B 221 -6.32 14.15 -30.52
C ASN B 221 -6.43 14.35 -32.03
N ASN B 222 -7.16 13.46 -32.72
CA ASN B 222 -7.34 13.61 -34.17
C ASN B 222 -8.13 14.86 -34.52
N TRP B 223 -9.10 15.22 -33.67
CA TRP B 223 -9.88 16.42 -33.92
C TRP B 223 -9.00 17.67 -33.89
N ILE B 224 -8.08 17.75 -32.92
CA ILE B 224 -7.17 18.89 -32.85
C ILE B 224 -6.25 18.93 -34.06
N SER B 225 -5.73 17.78 -34.46
CA SER B 225 -4.84 17.73 -35.62
C SER B 225 -5.58 18.15 -36.89
N LYS B 226 -6.81 17.67 -37.07
CA LYS B 226 -7.60 18.06 -38.24
C LYS B 226 -7.96 19.54 -38.19
N ALA B 227 -8.30 20.05 -37.00
CA ALA B 227 -8.64 21.46 -36.87
C ALA B 227 -7.46 22.36 -37.19
N ILE B 228 -6.27 21.99 -36.73
CA ILE B 228 -5.07 22.79 -36.98
C ILE B 228 -4.37 22.30 -38.24
N PRO B 265 18.92 -16.78 -28.46
CA PRO B 265 18.78 -15.60 -27.60
C PRO B 265 17.36 -15.06 -27.58
N PRO B 266 16.62 -15.26 -28.68
CA PRO B 266 15.24 -14.78 -28.73
C PRO B 266 14.35 -15.49 -27.72
N ARG B 267 13.38 -14.74 -27.20
CA ARG B 267 12.42 -15.32 -26.28
C ARG B 267 11.45 -16.24 -27.01
N LEU B 268 11.05 -17.32 -26.33
CA LEU B 268 10.27 -18.36 -26.99
C LEU B 268 8.82 -17.94 -27.20
N ARG B 269 8.27 -17.17 -26.25
CA ARG B 269 6.90 -16.67 -26.27
C ARG B 269 5.92 -17.79 -25.93
N SER B 270 6.41 -19.04 -25.90
CA SER B 270 5.59 -20.14 -25.38
C SER B 270 5.67 -20.20 -23.86
N VAL B 271 6.90 -20.13 -23.33
CA VAL B 271 7.06 -19.98 -21.88
C VAL B 271 6.47 -18.66 -21.43
N ASP B 272 6.57 -17.62 -22.27
CA ASP B 272 5.94 -16.34 -21.93
C ASP B 272 4.44 -16.46 -21.87
N THR B 273 3.83 -17.17 -22.83
CA THR B 273 2.38 -17.38 -22.78
C THR B 273 1.97 -18.22 -21.56
N PHE B 274 2.77 -19.24 -21.24
CA PHE B 274 2.50 -20.05 -20.07
C PHE B 274 2.54 -19.21 -18.80
N ARG B 275 3.57 -18.39 -18.67
CA ARG B 275 3.70 -17.53 -17.49
C ARG B 275 2.59 -16.50 -17.44
N GLY B 276 2.17 -15.99 -18.60
CA GLY B 276 1.07 -15.04 -18.61
C GLY B 276 -0.25 -15.67 -18.19
N ILE B 277 -0.50 -16.91 -18.63
CA ILE B 277 -1.69 -17.62 -18.17
C ILE B 277 -1.64 -17.81 -16.66
N ALA B 278 -0.48 -18.21 -16.14
CA ALA B 278 -0.34 -18.36 -14.70
C ALA B 278 -0.54 -17.04 -13.96
N LEU B 279 -0.04 -15.94 -14.54
CA LEU B 279 -0.21 -14.63 -13.91
C LEU B 279 -1.65 -14.19 -13.91
N ILE B 280 -2.37 -14.40 -15.02
CA ILE B 280 -3.79 -14.07 -15.07
C ILE B 280 -4.56 -14.87 -14.03
N LEU B 281 -4.27 -16.17 -13.93
CA LEU B 281 -4.93 -17.00 -12.93
C LEU B 281 -4.60 -16.51 -11.52
N MET B 282 -3.35 -16.14 -11.28
CA MET B 282 -2.97 -15.70 -9.93
C MET B 282 -3.66 -14.39 -9.56
N VAL B 283 -3.72 -13.45 -10.50
CA VAL B 283 -4.38 -12.18 -10.22
C VAL B 283 -5.87 -12.37 -10.01
N PHE B 284 -6.48 -13.30 -10.75
CA PHE B 284 -7.89 -13.57 -10.56
C PHE B 284 -8.16 -14.21 -9.20
N VAL B 285 -7.42 -15.27 -8.87
CA VAL B 285 -7.73 -16.03 -7.65
C VAL B 285 -7.16 -15.39 -6.39
N ASN B 286 -6.22 -14.46 -6.53
CA ASN B 286 -5.68 -13.76 -5.37
C ASN B 286 -6.63 -12.66 -4.92
N TYR B 287 -7.33 -12.02 -5.86
CA TYR B 287 -8.32 -11.03 -5.53
C TYR B 287 -9.61 -11.64 -5.00
N GLY B 288 -9.73 -12.96 -5.03
CA GLY B 288 -10.92 -13.62 -4.55
C GLY B 288 -11.45 -14.64 -5.54
N GLY B 289 -11.24 -14.38 -6.82
CA GLY B 289 -11.77 -15.25 -7.86
C GLY B 289 -13.27 -15.33 -7.85
N GLY B 290 -13.95 -14.20 -7.68
CA GLY B 290 -15.40 -14.24 -7.58
C GLY B 290 -15.91 -14.81 -6.29
N LYS B 291 -15.04 -14.99 -5.29
CA LYS B 291 -15.39 -15.56 -3.99
C LYS B 291 -15.93 -16.98 -4.11
N TYR B 292 -15.71 -17.63 -5.25
CA TYR B 292 -16.13 -19.00 -5.43
C TYR B 292 -15.23 -19.94 -4.66
N TRP B 293 -15.75 -21.12 -4.30
CA TRP B 293 -14.96 -22.08 -3.55
C TRP B 293 -13.92 -22.74 -4.43
N TYR B 294 -14.15 -22.83 -5.74
CA TYR B 294 -13.21 -23.47 -6.64
C TYR B 294 -12.21 -22.50 -7.24
N PHE B 295 -12.32 -21.21 -6.92
CA PHE B 295 -11.29 -20.24 -7.27
C PHE B 295 -10.47 -19.83 -6.05
N LYS B 296 -10.58 -20.58 -4.96
CA LYS B 296 -9.75 -20.44 -3.78
C LYS B 296 -8.83 -21.65 -3.68
N HIS B 297 -7.99 -21.67 -2.65
CA HIS B 297 -7.14 -22.80 -2.40
C HIS B 297 -7.92 -23.87 -1.65
N ALA B 298 -7.87 -25.11 -2.14
CA ALA B 298 -8.60 -26.19 -1.51
C ALA B 298 -8.13 -26.39 -0.09
N SER B 299 -9.09 -26.57 0.82
CA SER B 299 -8.76 -26.77 2.23
C SER B 299 -8.03 -28.10 2.35
N TRP B 300 -6.71 -28.02 2.52
CA TRP B 300 -5.83 -29.19 2.61
C TRP B 300 -5.94 -30.00 1.31
N ASN B 301 -6.25 -31.29 1.37
CA ASN B 301 -6.13 -32.15 0.20
C ASN B 301 -7.10 -31.71 -0.89
N GLY B 302 -6.67 -31.89 -2.15
CA GLY B 302 -7.49 -31.55 -3.29
C GLY B 302 -6.82 -30.55 -4.21
N LEU B 303 -7.36 -30.42 -5.42
CA LEU B 303 -6.83 -29.51 -6.43
C LEU B 303 -7.95 -28.59 -6.88
N THR B 304 -7.70 -27.28 -6.82
CA THR B 304 -8.63 -26.28 -7.32
C THR B 304 -7.94 -25.43 -8.38
N VAL B 305 -8.65 -24.40 -8.85
CA VAL B 305 -8.08 -23.51 -9.86
C VAL B 305 -6.94 -22.70 -9.26
N ALA B 306 -7.07 -22.28 -8.01
CA ALA B 306 -6.03 -21.48 -7.38
C ALA B 306 -4.79 -22.29 -7.04
N ASP B 307 -4.92 -23.60 -6.87
CA ASP B 307 -3.78 -24.44 -6.56
C ASP B 307 -2.88 -24.67 -7.78
N LEU B 308 -3.34 -24.35 -8.98
CA LEU B 308 -2.61 -24.62 -10.20
C LEU B 308 -1.59 -23.56 -10.56
N VAL B 309 -1.56 -22.44 -9.84
CA VAL B 309 -0.78 -21.28 -10.28
C VAL B 309 0.67 -21.35 -9.80
N PHE B 310 0.85 -21.45 -8.48
CA PHE B 310 2.20 -21.43 -7.92
C PHE B 310 3.10 -22.51 -8.50
N PRO B 311 2.68 -23.78 -8.60
CA PRO B 311 3.57 -24.79 -9.20
C PRO B 311 3.95 -24.47 -10.63
N TRP B 312 3.04 -23.89 -11.41
CA TRP B 312 3.38 -23.48 -12.75
C TRP B 312 4.38 -22.34 -12.73
N PHE B 313 4.29 -21.45 -11.75
CA PHE B 313 5.29 -20.39 -11.62
C PHE B 313 6.67 -20.97 -11.32
N VAL B 314 6.73 -21.97 -10.45
CA VAL B 314 8.02 -22.60 -10.16
C VAL B 314 8.55 -23.35 -11.37
N PHE B 315 7.66 -24.04 -12.10
CA PHE B 315 8.04 -24.76 -13.30
C PHE B 315 8.63 -23.81 -14.35
N ILE B 316 7.92 -22.71 -14.60
CA ILE B 316 8.39 -21.71 -15.54
C ILE B 316 9.68 -21.07 -15.05
N MET B 317 9.81 -20.90 -13.73
CA MET B 317 11.04 -20.35 -13.18
C MET B 317 12.23 -21.24 -13.49
N GLY B 318 12.07 -22.55 -13.32
CA GLY B 318 13.16 -23.45 -13.66
C GLY B 318 13.47 -23.49 -15.15
N SER B 319 12.42 -23.51 -15.97
CA SER B 319 12.62 -23.50 -17.41
C SER B 319 13.38 -22.26 -17.84
N SER B 320 12.99 -21.09 -17.32
CA SER B 320 13.68 -19.85 -17.63
C SER B 320 15.08 -19.83 -17.05
N ILE B 321 15.29 -20.50 -15.91
CA ILE B 321 16.64 -20.61 -15.37
C ILE B 321 17.56 -21.27 -16.39
N PHE B 322 17.13 -22.40 -16.94
CA PHE B 322 17.98 -23.06 -17.92
C PHE B 322 18.08 -22.24 -19.21
N LEU B 323 16.97 -21.67 -19.66
CA LEU B 323 16.97 -20.93 -20.92
C LEU B 323 17.82 -19.65 -20.83
N SER B 324 18.04 -19.12 -19.64
CA SER B 324 18.92 -17.97 -19.50
C SER B 324 20.36 -18.38 -19.21
N MET B 325 20.56 -19.44 -18.44
CA MET B 325 21.91 -19.91 -18.16
C MET B 325 22.60 -20.40 -19.41
N THR B 326 21.88 -21.14 -20.27
CA THR B 326 22.48 -21.60 -21.51
C THR B 326 22.92 -20.42 -22.38
N SER B 327 22.05 -19.43 -22.52
CA SER B 327 22.38 -18.27 -23.34
C SER B 327 23.58 -17.51 -22.76
N ILE B 328 23.60 -17.31 -21.45
CA ILE B 328 24.69 -16.55 -20.85
C ILE B 328 26.01 -17.30 -20.98
N LEU B 329 26.00 -18.62 -20.73
CA LEU B 329 27.23 -19.39 -20.83
C LEU B 329 27.72 -19.51 -22.26
N GLN B 330 26.79 -19.60 -23.23
CA GLN B 330 27.19 -19.60 -24.63
C GLN B 330 27.76 -18.25 -25.04
N ARG B 331 27.23 -17.17 -24.49
CA ARG B 331 27.75 -15.83 -24.76
C ARG B 331 29.02 -15.61 -23.93
N GLY B 332 29.47 -14.36 -23.86
CA GLY B 332 30.69 -14.06 -23.13
C GLY B 332 30.46 -13.79 -21.65
N CYS B 333 30.70 -14.81 -20.83
CA CYS B 333 30.57 -14.67 -19.38
C CYS B 333 31.26 -15.86 -18.73
N SER B 334 31.25 -15.88 -17.41
CA SER B 334 31.89 -16.94 -16.63
C SER B 334 30.97 -17.35 -15.49
N LYS B 335 31.19 -18.55 -14.96
CA LYS B 335 30.39 -19.01 -13.84
C LYS B 335 30.94 -18.46 -12.53
N PHE B 336 31.25 -17.16 -12.52
CA PHE B 336 31.55 -16.42 -11.31
C PHE B 336 30.83 -15.08 -11.22
N ARG B 337 30.41 -14.50 -12.34
CA ARG B 337 29.43 -13.44 -12.34
C ARG B 337 28.01 -13.98 -12.43
N LEU B 338 27.85 -15.14 -13.07
CA LEU B 338 26.56 -15.82 -13.05
C LEU B 338 26.18 -16.23 -11.63
N LEU B 339 27.15 -16.72 -10.86
CA LEU B 339 26.90 -17.07 -9.47
C LEU B 339 26.50 -15.84 -8.66
N GLY B 340 27.18 -14.72 -8.90
CA GLY B 340 26.81 -13.48 -8.23
C GLY B 340 25.42 -13.02 -8.59
N LYS B 341 25.06 -13.14 -9.88
CA LYS B 341 23.72 -12.76 -10.31
C LYS B 341 22.66 -13.65 -9.65
N ILE B 342 22.92 -14.96 -9.59
CA ILE B 342 21.97 -15.88 -8.99
C ILE B 342 21.81 -15.60 -7.51
N ALA B 343 22.92 -15.39 -6.80
CA ALA B 343 22.85 -15.13 -5.37
C ALA B 343 22.15 -13.81 -5.08
N TRP B 344 22.46 -12.77 -5.86
CA TRP B 344 21.80 -11.49 -5.64
C TRP B 344 20.33 -11.55 -5.97
N ARG B 345 19.95 -12.27 -7.03
CA ARG B 345 18.55 -12.40 -7.37
C ARG B 345 17.80 -13.17 -6.29
N SER B 346 18.39 -14.23 -5.75
CA SER B 346 17.75 -14.97 -4.67
C SER B 346 17.59 -14.10 -3.44
N PHE B 347 18.63 -13.35 -3.08
CA PHE B 347 18.54 -12.47 -1.92
C PHE B 347 17.48 -11.39 -2.12
N LEU B 348 17.41 -10.83 -3.33
CA LEU B 348 16.39 -9.82 -3.63
C LEU B 348 14.99 -10.40 -3.54
N LEU B 349 14.79 -11.60 -4.09
CA LEU B 349 13.47 -12.22 -4.01
C LEU B 349 13.08 -12.51 -2.57
N ILE B 350 14.02 -13.03 -1.78
CA ILE B 350 13.72 -13.33 -0.38
C ILE B 350 13.39 -12.05 0.38
N CYS B 351 14.18 -10.99 0.17
CA CYS B 351 13.94 -9.75 0.89
C CYS B 351 12.61 -9.12 0.48
N ILE B 352 12.29 -9.14 -0.81
CA ILE B 352 11.01 -8.60 -1.26
C ILE B 352 9.87 -9.40 -0.64
N GLY B 353 9.97 -10.72 -0.64
CA GLY B 353 8.94 -11.54 -0.03
C GLY B 353 8.76 -11.25 1.45
N ILE B 354 9.86 -11.08 2.17
CA ILE B 354 9.78 -10.84 3.61
C ILE B 354 9.20 -9.46 3.89
N ILE B 355 9.59 -8.45 3.12
CA ILE B 355 9.25 -7.07 3.44
C ILE B 355 7.91 -6.67 2.84
N ILE B 356 7.77 -6.78 1.52
CA ILE B 356 6.65 -6.21 0.79
C ILE B 356 5.49 -7.19 0.71
N VAL B 357 5.75 -8.37 0.15
CA VAL B 357 4.66 -9.27 -0.24
C VAL B 357 3.98 -9.88 0.98
N ASN B 358 4.78 -10.35 1.95
CA ASN B 358 4.20 -11.14 3.04
C ASN B 358 3.32 -10.30 3.97
N PRO B 359 3.82 -9.28 4.66
CA PRO B 359 3.03 -8.66 5.71
C PRO B 359 1.82 -7.92 5.17
N ASN B 360 0.78 -7.88 6.00
CA ASN B 360 -0.43 -7.09 5.73
C ASN B 360 -0.25 -5.79 6.49
N TYR B 361 0.31 -4.78 5.81
CA TYR B 361 0.67 -3.53 6.48
C TYR B 361 -0.54 -2.67 6.81
N CYS B 362 -1.72 -3.03 6.31
CA CYS B 362 -2.93 -2.32 6.72
C CYS B 362 -3.27 -2.55 8.19
N LEU B 363 -2.81 -3.66 8.77
CA LEU B 363 -3.07 -3.92 10.18
C LEU B 363 -2.23 -3.01 11.07
N GLY B 364 -0.94 -2.86 10.76
CA GLY B 364 -0.06 -2.05 11.55
C GLY B 364 1.39 -2.22 11.19
N PRO B 365 2.27 -1.60 11.97
CA PRO B 365 3.71 -1.70 11.69
C PRO B 365 4.24 -3.11 11.87
N LEU B 366 5.27 -3.43 11.12
CA LEU B 366 5.89 -4.74 11.22
C LEU B 366 6.66 -4.87 12.53
N SER B 367 6.74 -6.11 13.02
CA SER B 367 7.48 -6.40 14.24
C SER B 367 8.18 -7.73 14.07
N TRP B 368 9.35 -7.88 14.70
CA TRP B 368 10.13 -9.10 14.58
C TRP B 368 9.38 -10.32 15.11
N ASP B 369 8.74 -10.16 16.27
CA ASP B 369 8.12 -11.29 16.95
C ASP B 369 6.96 -11.89 16.15
N LYS B 370 6.38 -11.12 15.23
CA LYS B 370 5.21 -11.54 14.47
C LYS B 370 5.38 -11.22 12.98
N VAL B 371 6.53 -11.57 12.43
CA VAL B 371 6.77 -11.41 10.99
C VAL B 371 6.83 -12.80 10.36
N ARG B 372 6.21 -12.94 9.19
CA ARG B 372 6.13 -14.23 8.51
C ARG B 372 7.35 -14.41 7.62
N ILE B 373 8.31 -15.21 8.10
CA ILE B 373 9.50 -15.49 7.30
C ILE B 373 9.18 -16.25 6.02
N PRO B 374 8.43 -17.37 6.06
CA PRO B 374 8.11 -18.07 4.81
C PRO B 374 7.18 -17.24 3.93
N GLY B 375 7.21 -17.54 2.65
CA GLY B 375 6.37 -16.84 1.70
C GLY B 375 6.51 -17.42 0.31
N VAL B 376 5.69 -16.90 -0.60
CA VAL B 376 5.77 -17.33 -1.99
C VAL B 376 7.09 -16.89 -2.61
N LEU B 377 7.45 -15.62 -2.43
CA LEU B 377 8.69 -15.11 -3.01
C LEU B 377 9.91 -15.65 -2.28
N GLN B 378 9.82 -15.88 -0.97
CA GLN B 378 10.92 -16.52 -0.27
C GLN B 378 11.15 -17.92 -0.78
N ARG B 379 10.07 -18.69 -0.98
CA ARG B 379 10.19 -20.03 -1.52
C ARG B 379 10.76 -20.00 -2.92
N LEU B 380 10.30 -19.07 -3.75
CA LEU B 380 10.81 -18.95 -5.11
C LEU B 380 12.29 -18.59 -5.10
N GLY B 381 12.70 -17.68 -4.21
CA GLY B 381 14.11 -17.32 -4.15
C GLY B 381 14.99 -18.47 -3.69
N VAL B 382 14.54 -19.21 -2.68
CA VAL B 382 15.34 -20.34 -2.19
C VAL B 382 15.45 -21.42 -3.26
N THR B 383 14.33 -21.78 -3.90
CA THR B 383 14.39 -22.80 -4.94
C THR B 383 15.18 -22.33 -6.15
N TYR B 384 15.07 -21.04 -6.49
CA TYR B 384 15.86 -20.49 -7.58
C TYR B 384 17.35 -20.61 -7.27
N PHE B 385 17.74 -20.19 -6.06
CA PHE B 385 19.15 -20.31 -5.69
C PHE B 385 19.61 -21.74 -5.79
N VAL B 386 18.85 -22.67 -5.22
CA VAL B 386 19.30 -24.06 -5.17
C VAL B 386 19.45 -24.63 -6.58
N VAL B 387 18.40 -24.52 -7.40
CA VAL B 387 18.44 -25.18 -8.70
C VAL B 387 19.39 -24.45 -9.66
N ALA B 388 19.43 -23.13 -9.62
CA ALA B 388 20.35 -22.39 -10.48
C ALA B 388 21.80 -22.65 -10.11
N VAL B 389 22.10 -22.73 -8.81
CA VAL B 389 23.46 -23.06 -8.40
C VAL B 389 23.79 -24.49 -8.82
N LEU B 390 22.79 -25.39 -8.78
CA LEU B 390 23.03 -26.75 -9.25
C LEU B 390 23.41 -26.76 -10.72
N GLU B 391 22.64 -26.07 -11.56
CA GLU B 391 22.96 -26.04 -12.99
C GLU B 391 24.31 -25.37 -13.23
N LEU B 392 24.61 -24.28 -12.52
CA LEU B 392 25.90 -23.62 -12.69
C LEU B 392 27.05 -24.53 -12.31
N LEU B 393 26.91 -25.27 -11.21
CA LEU B 393 27.95 -26.20 -10.78
C LEU B 393 28.09 -27.36 -11.76
N PHE B 394 27.02 -27.72 -12.45
CA PHE B 394 27.10 -28.81 -13.42
C PHE B 394 26.69 -28.35 -14.81
N ALA B 395 27.18 -27.18 -15.23
CA ALA B 395 26.81 -26.61 -16.51
C ALA B 395 27.57 -27.29 -17.64
N LYS B 396 26.84 -27.71 -18.67
CA LYS B 396 27.41 -28.30 -19.86
C LYS B 396 26.80 -27.64 -21.09
N PRO B 397 27.53 -27.55 -22.19
CA PRO B 397 26.99 -26.92 -23.39
C PRO B 397 26.07 -27.86 -24.16
N VAL B 398 25.10 -27.27 -24.84
CA VAL B 398 24.13 -28.03 -25.63
C VAL B 398 24.83 -28.54 -26.89
N PRO B 399 24.41 -29.71 -27.42
CA PRO B 399 25.04 -30.25 -28.63
C PRO B 399 24.44 -29.67 -29.91
N SER B 407 18.64 -37.83 -32.79
CA SER B 407 18.00 -37.20 -31.64
C SER B 407 16.57 -37.66 -31.48
N CYS B 408 16.15 -38.62 -32.31
CA CYS B 408 14.78 -39.13 -32.23
C CYS B 408 14.53 -39.79 -30.89
N LEU B 409 15.48 -40.57 -30.39
CA LEU B 409 15.42 -41.16 -29.06
C LEU B 409 16.78 -41.05 -28.38
N SER B 410 17.41 -39.88 -28.51
CA SER B 410 18.77 -39.71 -27.99
C SER B 410 18.81 -39.82 -26.47
N LEU B 411 17.86 -39.17 -25.79
CA LEU B 411 17.78 -39.15 -24.33
C LEU B 411 19.05 -38.57 -23.70
N ARG B 412 19.79 -37.77 -24.46
CA ARG B 412 21.06 -37.24 -23.96
C ARG B 412 20.85 -36.13 -22.94
N ASP B 413 19.70 -35.45 -22.98
CA ASP B 413 19.45 -34.36 -22.04
C ASP B 413 19.31 -34.88 -20.61
N ILE B 414 18.73 -36.07 -20.45
CA ILE B 414 18.62 -36.66 -19.12
C ILE B 414 19.92 -37.29 -18.65
N THR B 415 20.83 -37.61 -19.57
CA THR B 415 22.09 -38.25 -19.20
C THR B 415 23.19 -37.23 -18.90
N SER B 416 23.28 -36.15 -19.68
CA SER B 416 24.28 -35.13 -19.42
C SER B 416 24.07 -34.49 -18.05
N SER B 417 22.81 -34.27 -17.69
CA SER B 417 22.45 -33.70 -16.39
C SER B 417 22.17 -34.80 -15.36
N TRP B 418 23.11 -35.75 -15.24
CA TRP B 418 22.95 -36.85 -14.30
C TRP B 418 23.27 -36.46 -12.85
N PRO B 419 24.25 -35.59 -12.57
CA PRO B 419 24.51 -35.28 -11.15
C PRO B 419 23.37 -34.53 -10.49
N GLN B 420 22.78 -33.54 -11.17
CA GLN B 420 21.67 -32.82 -10.56
C GLN B 420 20.43 -33.69 -10.46
N TRP B 421 20.26 -34.64 -11.39
CA TRP B 421 19.16 -35.60 -11.25
C TRP B 421 19.37 -36.50 -10.05
N LEU B 422 20.61 -36.95 -9.81
CA LEU B 422 20.89 -37.73 -8.62
C LEU B 422 20.62 -36.92 -7.36
N LEU B 423 21.02 -35.64 -7.36
CA LEU B 423 20.77 -34.80 -6.19
C LEU B 423 19.28 -34.57 -5.99
N ILE B 424 18.53 -34.43 -7.08
CA ILE B 424 17.08 -34.25 -6.99
C ILE B 424 16.43 -35.51 -6.42
N LEU B 425 16.88 -36.68 -6.85
CA LEU B 425 16.35 -37.93 -6.30
C LEU B 425 16.68 -38.06 -4.81
N VAL B 426 17.90 -37.67 -4.43
CA VAL B 426 18.27 -37.69 -3.01
C VAL B 426 17.41 -36.75 -2.20
N LEU B 427 17.17 -35.53 -2.73
CA LEU B 427 16.31 -34.57 -2.04
C LEU B 427 14.89 -35.06 -1.93
N GLU B 428 14.38 -35.70 -2.99
CA GLU B 428 13.03 -36.26 -2.94
C GLU B 428 12.94 -37.36 -1.90
N GLY B 429 13.97 -38.21 -1.82
CA GLY B 429 14.01 -39.20 -0.76
C GLY B 429 14.03 -38.57 0.61
N LEU B 430 14.77 -37.46 0.76
CA LEU B 430 14.80 -36.77 2.04
C LEU B 430 13.44 -36.22 2.42
N TRP B 431 12.74 -35.61 1.45
CA TRP B 431 11.40 -35.08 1.72
C TRP B 431 10.44 -36.19 2.09
N LEU B 432 10.48 -37.31 1.35
CA LEU B 432 9.62 -38.45 1.68
C LEU B 432 9.93 -39.00 3.06
N GLY B 433 11.21 -39.14 3.38
CA GLY B 433 11.59 -39.67 4.68
C GLY B 433 11.19 -38.76 5.83
N LEU B 434 11.40 -37.45 5.66
CA LEU B 434 11.00 -36.53 6.71
C LEU B 434 9.49 -36.48 6.86
N THR B 435 8.75 -36.53 5.75
CA THR B 435 7.30 -36.46 5.83
C THR B 435 6.72 -37.71 6.49
N PHE B 436 7.17 -38.90 6.07
CA PHE B 436 6.57 -40.15 6.52
C PHE B 436 7.28 -40.80 7.69
N LEU B 437 8.38 -40.21 8.19
CA LEU B 437 9.15 -40.89 9.22
C LEU B 437 9.60 -39.99 10.36
N LEU B 438 9.53 -38.66 10.25
CA LEU B 438 10.01 -37.80 11.31
C LEU B 438 9.06 -37.86 12.50
N PRO B 439 9.53 -38.27 13.69
CA PRO B 439 8.65 -38.28 14.85
C PRO B 439 8.29 -36.86 15.28
N VAL B 440 7.02 -36.66 15.61
CA VAL B 440 6.52 -35.35 16.03
C VAL B 440 5.85 -35.50 17.39
N PRO B 441 6.19 -34.68 18.37
CA PRO B 441 5.54 -34.78 19.68
C PRO B 441 4.05 -34.49 19.59
N GLY B 442 3.26 -35.31 20.28
CA GLY B 442 1.81 -35.15 20.26
C GLY B 442 1.21 -35.25 18.88
N CYS B 443 1.74 -36.13 18.04
CA CYS B 443 1.29 -36.24 16.66
C CYS B 443 1.77 -37.57 16.11
N PRO B 444 0.95 -38.26 15.30
CA PRO B 444 1.42 -39.51 14.70
C PRO B 444 2.54 -39.28 13.71
N THR B 445 3.44 -40.26 13.63
CA THR B 445 4.52 -40.20 12.65
C THR B 445 3.95 -40.33 11.24
N GLY B 446 4.49 -39.54 10.32
CA GLY B 446 4.01 -39.58 8.95
C GLY B 446 2.60 -39.05 8.76
N TYR B 447 2.28 -37.93 9.38
CA TYR B 447 0.94 -37.37 9.32
C TYR B 447 0.83 -36.39 8.16
N LEU B 448 -0.18 -36.58 7.31
CA LEU B 448 -0.48 -35.66 6.22
C LEU B 448 -1.79 -34.93 6.41
N GLY B 449 -2.56 -35.27 7.44
CA GLY B 449 -3.89 -34.74 7.61
C GLY B 449 -3.92 -33.27 7.98
N PRO B 450 -5.12 -32.69 7.98
CA PRO B 450 -5.23 -31.25 8.25
C PRO B 450 -5.30 -30.89 9.72
N GLY B 451 -5.46 -31.86 10.61
CA GLY B 451 -5.65 -31.50 12.01
C GLY B 451 -7.01 -30.89 12.24
N GLY B 452 -7.12 -30.13 13.32
CA GLY B 452 -8.40 -29.53 13.67
C GLY B 452 -9.45 -30.61 13.87
N ILE B 453 -10.65 -30.36 13.35
CA ILE B 453 -11.69 -31.38 13.37
C ILE B 453 -11.51 -32.41 12.26
N GLY B 454 -10.47 -32.28 11.44
CA GLY B 454 -10.16 -33.31 10.47
C GLY B 454 -9.66 -34.56 11.14
N ASP B 455 -9.77 -35.67 10.41
CA ASP B 455 -9.42 -37.00 10.93
C ASP B 455 -10.15 -37.29 12.24
N PHE B 456 -11.44 -36.95 12.25
CA PHE B 456 -12.32 -37.13 13.41
C PHE B 456 -11.85 -36.35 14.63
N GLY B 457 -11.07 -35.29 14.41
CA GLY B 457 -10.66 -34.42 15.49
C GLY B 457 -9.70 -35.03 16.48
N LYS B 458 -9.12 -36.19 16.17
CA LYS B 458 -8.21 -36.84 17.11
C LYS B 458 -6.87 -36.11 17.22
N TYR B 459 -6.58 -35.19 16.30
CA TYR B 459 -5.34 -34.42 16.31
C TYR B 459 -5.69 -32.94 16.17
N PRO B 460 -6.11 -32.31 17.27
CA PRO B 460 -6.54 -30.89 17.15
C PRO B 460 -5.45 -29.96 16.63
N ASN B 461 -4.20 -30.18 17.00
CA ASN B 461 -3.09 -29.33 16.56
C ASN B 461 -2.04 -30.23 15.92
N CYS B 462 -2.30 -30.64 14.68
CA CYS B 462 -1.35 -31.43 13.93
C CYS B 462 -1.31 -31.02 12.46
N THR B 463 -1.63 -29.76 12.17
CA THR B 463 -1.71 -29.29 10.80
C THR B 463 -0.37 -29.43 10.10
N GLY B 464 -0.30 -30.33 9.13
CA GLY B 464 0.90 -30.58 8.36
C GLY B 464 1.73 -31.74 8.85
N GLY B 465 1.66 -32.07 10.12
CA GLY B 465 2.47 -33.15 10.66
C GLY B 465 3.94 -32.81 10.67
N ALA B 466 4.71 -33.49 9.83
CA ALA B 466 6.16 -33.28 9.80
C ALA B 466 6.51 -31.87 9.33
N ALA B 467 5.87 -31.40 8.26
CA ALA B 467 6.17 -30.08 7.73
C ALA B 467 5.79 -28.99 8.73
N GLY B 468 4.60 -29.10 9.33
CA GLY B 468 4.20 -28.13 10.32
C GLY B 468 5.10 -28.13 11.53
N TYR B 469 5.51 -29.32 11.99
CA TYR B 469 6.40 -29.40 13.15
C TYR B 469 7.76 -28.80 12.83
N ILE B 470 8.29 -29.07 11.63
CA ILE B 470 9.57 -28.50 11.25
C ILE B 470 9.49 -26.98 11.19
N ASP B 471 8.41 -26.45 10.61
CA ASP B 471 8.23 -25.00 10.57
C ASP B 471 8.14 -24.42 11.98
N ARG B 472 7.36 -25.05 12.86
CA ARG B 472 7.18 -24.54 14.21
C ARG B 472 8.42 -24.71 15.07
N LEU B 473 9.32 -25.62 14.70
CA LEU B 473 10.54 -25.83 15.46
C LEU B 473 11.70 -24.96 14.98
N LEU B 474 11.76 -24.67 13.68
CA LEU B 474 12.87 -23.87 13.17
C LEU B 474 12.53 -22.38 13.10
N LEU B 475 11.30 -22.02 12.72
CA LEU B 475 10.91 -20.63 12.60
C LEU B 475 9.97 -20.17 13.71
N GLY B 476 9.51 -21.06 14.57
CA GLY B 476 8.58 -20.69 15.61
C GLY B 476 7.14 -20.63 15.10
N ASP B 477 6.21 -20.57 16.06
CA ASP B 477 4.80 -20.56 15.71
C ASP B 477 4.29 -19.17 15.34
N ASP B 478 5.05 -18.12 15.65
CA ASP B 478 4.62 -16.77 15.33
C ASP B 478 5.14 -16.29 13.98
N HIS B 479 6.13 -16.95 13.41
CA HIS B 479 6.67 -16.62 12.09
C HIS B 479 6.10 -17.53 11.02
N LEU B 480 4.84 -17.93 11.14
CA LEU B 480 4.21 -18.81 10.18
C LEU B 480 2.89 -18.21 9.72
N TYR B 481 2.27 -18.86 8.74
CA TYR B 481 1.01 -18.38 8.19
C TYR B 481 -0.10 -18.63 9.19
N GLN B 482 -0.73 -17.56 9.67
CA GLN B 482 -1.73 -17.67 10.72
C GLN B 482 -3.12 -18.00 10.18
N HIS B 483 -3.33 -17.94 8.87
CA HIS B 483 -4.63 -18.26 8.26
C HIS B 483 -4.43 -19.28 7.15
N PRO B 484 -4.08 -20.52 7.49
CA PRO B 484 -3.93 -21.55 6.46
C PRO B 484 -5.28 -21.90 5.85
N SER B 485 -5.21 -22.51 4.66
CA SER B 485 -6.41 -22.83 3.91
C SER B 485 -7.30 -23.84 4.64
N SER B 486 -6.74 -24.60 5.58
CA SER B 486 -7.54 -25.57 6.33
C SER B 486 -8.34 -24.94 7.45
N ALA B 487 -8.05 -23.68 7.81
CA ALA B 487 -8.71 -23.07 8.95
C ALA B 487 -10.22 -22.94 8.75
N VAL B 488 -10.66 -22.59 7.54
CA VAL B 488 -12.06 -22.27 7.33
C VAL B 488 -12.95 -23.50 7.34
N LEU B 489 -12.42 -24.69 7.10
CA LEU B 489 -13.24 -25.88 7.01
C LEU B 489 -12.91 -26.90 8.10
N TYR B 490 -11.64 -27.18 8.33
CA TYR B 490 -11.24 -28.16 9.33
C TYR B 490 -11.03 -27.54 10.71
N HIS B 491 -11.19 -26.22 10.83
CA HIS B 491 -11.12 -25.53 12.12
C HIS B 491 -9.80 -25.80 12.83
N THR B 492 -8.70 -25.45 12.17
CA THR B 492 -7.37 -25.58 12.74
C THR B 492 -6.94 -24.25 13.34
N GLU B 493 -6.58 -24.27 14.63
CA GLU B 493 -6.21 -23.06 15.34
C GLU B 493 -4.72 -22.76 15.27
N VAL B 494 -3.89 -23.75 14.94
CA VAL B 494 -2.45 -23.56 14.86
C VAL B 494 -2.09 -22.86 13.56
N ALA B 495 -0.87 -22.34 13.49
CA ALA B 495 -0.38 -21.65 12.30
C ALA B 495 0.49 -22.59 11.49
N TYR B 496 0.10 -22.82 10.25
CA TYR B 496 0.85 -23.67 9.32
C TYR B 496 1.09 -22.90 8.04
N ASP B 497 2.34 -22.87 7.59
CA ASP B 497 2.70 -22.12 6.40
C ASP B 497 2.82 -23.04 5.20
N PRO B 498 2.06 -22.81 4.12
CA PRO B 498 2.23 -23.65 2.93
C PRO B 498 3.65 -23.60 2.36
N GLU B 499 4.29 -22.43 2.40
CA GLU B 499 5.67 -22.29 1.93
C GLU B 499 6.66 -22.48 3.07
N GLY B 500 6.53 -23.58 3.80
CA GLY B 500 7.39 -23.84 4.94
C GLY B 500 8.79 -24.23 4.54
N ILE B 501 9.47 -24.97 5.42
CA ILE B 501 10.83 -25.39 5.14
C ILE B 501 10.87 -26.76 4.47
N LEU B 502 9.98 -27.67 4.89
CA LEU B 502 9.98 -29.01 4.32
C LEU B 502 9.59 -29.00 2.84
N GLY B 503 8.60 -28.20 2.48
CA GLY B 503 8.10 -28.22 1.10
C GLY B 503 9.03 -27.53 0.11
N THR B 504 10.05 -26.84 0.58
CA THR B 504 11.00 -26.23 -0.35
C THR B 504 11.74 -27.29 -1.15
N ILE B 505 11.88 -28.49 -0.60
CA ILE B 505 12.47 -29.59 -1.36
C ILE B 505 11.63 -29.90 -2.58
N ASN B 506 10.31 -29.97 -2.40
CA ASN B 506 9.42 -30.24 -3.53
C ASN B 506 9.35 -29.05 -4.48
N SER B 507 9.46 -27.84 -3.96
CA SER B 507 9.59 -26.68 -4.83
C SER B 507 10.82 -26.79 -5.70
N ILE B 508 11.94 -27.23 -5.12
CA ILE B 508 13.16 -27.45 -5.88
C ILE B 508 12.96 -28.54 -6.93
N VAL B 509 12.28 -29.62 -6.55
CA VAL B 509 12.05 -30.72 -7.48
C VAL B 509 11.23 -30.25 -8.68
N MET B 510 10.19 -29.46 -8.42
CA MET B 510 9.36 -28.98 -9.54
C MET B 510 10.10 -27.95 -10.37
N ALA B 511 10.92 -27.09 -9.73
CA ALA B 511 11.75 -26.18 -10.50
C ALA B 511 12.73 -26.95 -11.39
N PHE B 512 13.21 -28.10 -10.92
CA PHE B 512 14.10 -28.90 -11.74
C PHE B 512 13.35 -29.62 -12.85
N LEU B 513 12.09 -29.97 -12.63
CA LEU B 513 11.27 -30.47 -13.74
C LEU B 513 11.09 -29.40 -14.80
N GLY B 514 10.91 -28.15 -14.38
CA GLY B 514 10.90 -27.05 -15.32
C GLY B 514 12.23 -26.89 -16.05
N VAL B 515 13.34 -27.07 -15.32
CA VAL B 515 14.66 -27.03 -15.94
C VAL B 515 14.77 -28.12 -16.99
N GLN B 516 14.23 -29.30 -16.71
CA GLN B 516 14.24 -30.39 -17.68
C GLN B 516 13.42 -30.03 -18.90
N ALA B 517 12.28 -29.37 -18.71
CA ALA B 517 11.51 -28.88 -19.84
C ALA B 517 12.34 -27.90 -20.68
N GLY B 518 13.07 -27.01 -20.02
CA GLY B 518 13.94 -26.10 -20.75
C GLY B 518 15.04 -26.82 -21.51
N LYS B 519 15.63 -27.84 -20.90
CA LYS B 519 16.67 -28.62 -21.57
C LYS B 519 16.11 -29.33 -22.80
N ILE B 520 14.92 -29.91 -22.67
CA ILE B 520 14.27 -30.53 -23.81
C ILE B 520 14.01 -29.51 -24.91
N LEU B 521 13.55 -28.33 -24.53
CA LEU B 521 13.20 -27.31 -25.51
C LEU B 521 14.43 -26.75 -26.22
N LEU B 522 15.57 -26.67 -25.53
CA LEU B 522 16.75 -26.03 -26.10
C LEU B 522 17.67 -27.02 -26.81
N TYR B 523 17.83 -28.23 -26.27
CA TYR B 523 18.69 -29.22 -26.92
C TYR B 523 18.22 -29.51 -28.34
N TYR B 524 16.94 -29.84 -28.48
CA TYR B 524 16.34 -30.12 -29.78
C TYR B 524 15.55 -28.91 -30.28
N LYS B 525 16.29 -27.81 -30.51
CA LYS B 525 15.65 -26.60 -31.02
C LYS B 525 15.25 -26.77 -32.48
N ALA B 526 16.03 -27.50 -33.27
CA ALA B 526 15.77 -27.68 -34.69
C ALA B 526 14.98 -28.95 -34.98
N ARG B 527 14.64 -29.74 -33.97
CA ARG B 527 13.88 -30.98 -34.15
C ARG B 527 12.59 -30.82 -33.35
N THR B 528 11.58 -30.23 -34.00
CA THR B 528 10.31 -29.96 -33.31
C THR B 528 9.62 -31.25 -32.88
N LYS B 529 9.58 -32.25 -33.77
CA LYS B 529 8.95 -33.52 -33.44
C LYS B 529 9.59 -34.14 -32.21
N ASP B 530 10.91 -33.99 -32.07
CA ASP B 530 11.57 -34.43 -30.84
C ASP B 530 11.02 -33.69 -29.62
N ILE B 531 10.77 -32.38 -29.78
CA ILE B 531 10.26 -31.59 -28.66
C ILE B 531 8.89 -32.11 -28.21
N LEU B 532 7.98 -32.32 -29.16
CA LEU B 532 6.66 -32.82 -28.76
C LEU B 532 6.75 -34.24 -28.23
N ILE B 533 7.62 -35.08 -28.80
CA ILE B 533 7.75 -36.45 -28.31
C ILE B 533 8.20 -36.43 -26.86
N ARG B 534 9.19 -35.61 -26.53
CA ARG B 534 9.71 -35.57 -25.17
C ARG B 534 8.71 -34.92 -24.21
N PHE B 535 8.01 -33.87 -24.65
CA PHE B 535 7.00 -33.26 -23.78
C PHE B 535 5.87 -34.24 -23.49
N THR B 536 5.40 -34.96 -24.50
CA THR B 536 4.36 -35.96 -24.29
C THR B 536 4.85 -37.08 -23.38
N ALA B 537 6.08 -37.55 -23.59
CA ALA B 537 6.61 -38.61 -22.75
C ALA B 537 6.72 -38.17 -21.29
N TRP B 538 7.23 -36.97 -21.05
CA TRP B 538 7.38 -36.50 -19.68
C TRP B 538 6.02 -36.25 -19.03
N CYS B 539 5.07 -35.68 -19.78
CA CYS B 539 3.73 -35.48 -19.23
C CYS B 539 3.09 -36.81 -18.87
N CYS B 540 3.22 -37.82 -19.75
CA CYS B 540 2.63 -39.12 -19.47
C CYS B 540 3.28 -39.77 -18.26
N ILE B 541 4.61 -39.69 -18.15
CA ILE B 541 5.31 -40.31 -17.02
C ILE B 541 4.90 -39.65 -15.72
N LEU B 542 4.86 -38.31 -15.70
CA LEU B 542 4.50 -37.61 -14.47
C LEU B 542 3.04 -37.82 -14.11
N GLY B 543 2.16 -37.88 -15.10
CA GLY B 543 0.76 -38.17 -14.82
C GLY B 543 0.57 -39.57 -14.27
N LEU B 544 1.30 -40.55 -14.82
CA LEU B 544 1.22 -41.91 -14.30
C LEU B 544 1.74 -41.97 -12.85
N ILE B 545 2.83 -41.26 -12.57
CA ILE B 545 3.34 -41.23 -11.20
C ILE B 545 2.31 -40.58 -10.27
N SER B 546 1.66 -39.51 -10.72
CA SER B 546 0.67 -38.84 -9.91
C SER B 546 -0.53 -39.74 -9.62
N VAL B 547 -1.05 -40.42 -10.65
CA VAL B 547 -2.19 -41.29 -10.44
C VAL B 547 -1.82 -42.53 -9.66
N ALA B 548 -0.54 -42.92 -9.65
CA ALA B 548 -0.11 -43.99 -8.77
C ALA B 548 -0.02 -43.52 -7.32
N LEU B 549 0.44 -42.30 -7.11
CA LEU B 549 0.63 -41.81 -5.75
C LEU B 549 -0.70 -41.47 -5.07
N THR B 550 -1.61 -40.81 -5.80
CA THR B 550 -2.88 -40.41 -5.21
C THR B 550 -3.99 -41.44 -5.41
N LYS B 551 -3.74 -42.50 -6.18
CA LYS B 551 -4.76 -43.51 -6.50
C LYS B 551 -6.00 -42.88 -7.14
N VAL B 552 -5.80 -41.79 -7.87
CA VAL B 552 -6.86 -41.01 -8.49
C VAL B 552 -7.93 -40.69 -7.46
N SER B 553 -7.53 -40.05 -6.36
CA SER B 553 -8.45 -39.63 -5.32
C SER B 553 -7.79 -38.51 -4.54
N GLU B 554 -8.56 -37.45 -4.25
CA GLU B 554 -7.97 -36.27 -3.65
C GLU B 554 -7.60 -36.49 -2.19
N ASN B 555 -8.38 -37.30 -1.46
CA ASN B 555 -8.15 -37.49 -0.03
C ASN B 555 -7.58 -38.86 0.31
N GLU B 556 -7.81 -39.87 -0.52
CA GLU B 556 -7.27 -41.20 -0.30
C GLU B 556 -6.01 -41.41 -1.13
N GLY B 557 -5.23 -42.40 -0.73
CA GLY B 557 -3.99 -42.74 -1.43
C GLY B 557 -2.79 -42.61 -0.52
N PHE B 558 -1.62 -42.74 -1.12
CA PHE B 558 -0.38 -42.64 -0.37
C PHE B 558 -0.02 -41.18 -0.08
N ILE B 559 0.20 -40.39 -1.12
CA ILE B 559 0.50 -38.97 -0.97
C ILE B 559 -0.58 -38.18 -1.70
N PRO B 560 -1.65 -37.79 -1.03
CA PRO B 560 -2.72 -37.05 -1.73
C PRO B 560 -2.23 -35.69 -2.21
N VAL B 561 -2.90 -35.18 -3.25
CA VAL B 561 -2.55 -33.87 -3.79
C VAL B 561 -2.81 -32.82 -2.74
N ASN B 562 -1.82 -31.98 -2.48
CA ASN B 562 -1.91 -31.01 -1.40
C ASN B 562 -0.96 -29.86 -1.67
N LYS B 563 -1.50 -28.64 -1.77
CA LYS B 563 -0.65 -27.48 -1.92
C LYS B 563 0.04 -27.12 -0.61
N ASN B 564 -0.69 -27.25 0.51
CA ASN B 564 -0.14 -26.84 1.80
C ASN B 564 1.09 -27.65 2.17
N LEU B 565 1.06 -28.96 1.94
CA LEU B 565 2.26 -29.77 2.12
C LEU B 565 3.19 -29.70 0.92
N TRP B 566 2.74 -29.14 -0.20
CA TRP B 566 3.47 -29.18 -1.47
C TRP B 566 3.88 -30.62 -1.78
N SER B 567 2.88 -31.49 -1.80
CA SER B 567 3.12 -32.93 -1.87
C SER B 567 3.88 -33.30 -3.13
N LEU B 568 4.60 -34.43 -3.07
CA LEU B 568 5.29 -34.93 -4.24
C LEU B 568 4.30 -35.27 -5.35
N SER B 569 3.14 -35.82 -4.99
CA SER B 569 2.11 -36.05 -5.99
C SER B 569 1.53 -34.74 -6.51
N TYR B 570 1.46 -33.72 -5.66
CA TYR B 570 1.09 -32.38 -6.14
C TYR B 570 2.09 -31.88 -7.16
N VAL B 571 3.38 -32.07 -6.87
CA VAL B 571 4.44 -31.65 -7.80
C VAL B 571 4.29 -32.41 -9.12
N THR B 572 4.10 -33.72 -9.06
CA THR B 572 4.02 -34.51 -10.29
C THR B 572 2.78 -34.17 -11.09
N THR B 573 1.63 -34.00 -10.42
CA THR B 573 0.40 -33.65 -11.12
C THR B 573 0.53 -32.30 -11.81
N LEU B 574 1.03 -31.30 -11.10
CA LEU B 574 1.13 -29.97 -11.69
C LEU B 574 2.23 -29.89 -12.74
N SER B 575 3.29 -30.70 -12.59
CA SER B 575 4.32 -30.75 -13.63
C SER B 575 3.82 -31.44 -14.88
N SER B 576 2.99 -32.48 -14.72
CA SER B 576 2.36 -33.10 -15.89
C SER B 576 1.42 -32.11 -16.58
N PHE B 577 0.67 -31.34 -15.79
CA PHE B 577 -0.18 -30.31 -16.38
C PHE B 577 0.65 -29.27 -17.12
N ALA B 578 1.77 -28.85 -16.54
CA ALA B 578 2.65 -27.88 -17.19
C ALA B 578 3.24 -28.45 -18.47
N PHE B 579 3.63 -29.72 -18.46
CA PHE B 579 4.16 -30.34 -19.65
C PHE B 579 3.12 -30.42 -20.76
N PHE B 580 1.87 -30.74 -20.40
CA PHE B 580 0.82 -30.73 -21.41
C PHE B 580 0.55 -29.33 -21.94
N ILE B 581 0.57 -28.33 -21.05
CA ILE B 581 0.36 -26.95 -21.48
C ILE B 581 1.47 -26.52 -22.43
N LEU B 582 2.71 -26.90 -22.14
CA LEU B 582 3.81 -26.62 -23.06
C LEU B 582 3.63 -27.37 -24.37
N LEU B 583 3.20 -28.63 -24.31
CA LEU B 583 2.96 -29.41 -25.52
C LEU B 583 1.92 -28.76 -26.40
N VAL B 584 0.94 -28.08 -25.81
CA VAL B 584 -0.06 -27.38 -26.60
C VAL B 584 0.47 -26.04 -27.10
N LEU B 585 1.16 -25.29 -26.24
CA LEU B 585 1.53 -23.91 -26.55
C LEU B 585 2.68 -23.85 -27.53
N TYR B 586 3.69 -24.71 -27.38
CA TYR B 586 4.89 -24.60 -28.20
C TYR B 586 4.62 -24.71 -29.69
N PRO B 587 3.87 -25.69 -30.19
CA PRO B 587 3.60 -25.70 -31.64
C PRO B 587 2.78 -24.50 -32.08
N VAL B 588 1.66 -24.26 -31.41
CA VAL B 588 0.73 -23.21 -31.81
C VAL B 588 1.40 -21.84 -31.80
N VAL B 589 2.19 -21.57 -30.76
CA VAL B 589 2.71 -20.23 -30.59
C VAL B 589 4.12 -20.04 -31.17
N ASP B 590 4.87 -21.13 -31.37
CA ASP B 590 6.24 -21.05 -31.87
C ASP B 590 6.39 -21.65 -33.26
N VAL B 591 5.97 -22.90 -33.44
CA VAL B 591 6.32 -23.64 -34.64
C VAL B 591 5.30 -23.35 -35.73
N LYS B 592 4.04 -23.72 -35.49
CA LYS B 592 3.00 -23.43 -36.47
C LYS B 592 2.72 -21.93 -36.51
N GLY B 593 2.81 -21.26 -35.37
CA GLY B 593 2.58 -19.82 -35.33
C GLY B 593 1.14 -19.41 -35.50
N LEU B 594 0.18 -20.31 -35.25
CA LEU B 594 -1.22 -19.99 -35.46
C LEU B 594 -1.68 -18.83 -34.59
N TRP B 595 -1.11 -18.69 -33.39
CA TRP B 595 -1.64 -17.72 -32.44
C TRP B 595 -0.52 -17.31 -31.50
N THR B 596 -0.06 -16.07 -31.62
CA THR B 596 0.79 -15.50 -30.58
C THR B 596 -0.03 -15.36 -29.30
N GLY B 597 0.64 -15.43 -28.16
CA GLY B 597 -0.08 -15.42 -26.90
C GLY B 597 -0.71 -14.07 -26.60
N THR B 598 -1.56 -13.61 -27.52
CA THR B 598 -1.97 -12.20 -27.55
C THR B 598 -2.52 -11.67 -26.24
N PRO B 599 -3.43 -12.35 -25.54
CA PRO B 599 -3.87 -11.83 -24.23
C PRO B 599 -3.07 -12.34 -23.04
N PHE B 600 -1.98 -13.08 -23.26
CA PHE B 600 -1.30 -13.77 -22.18
C PHE B 600 0.15 -13.36 -22.02
N PHE B 601 0.94 -13.28 -23.09
CA PHE B 601 2.37 -13.11 -22.90
C PHE B 601 2.75 -11.70 -22.45
N TYR B 602 1.83 -10.75 -22.49
CA TYR B 602 2.14 -9.42 -21.97
C TYR B 602 2.45 -9.43 -20.47
N PRO B 603 1.66 -10.07 -19.61
CA PRO B 603 2.16 -10.35 -18.25
C PRO B 603 3.33 -11.32 -18.25
N GLY B 604 3.42 -12.19 -19.25
CA GLY B 604 4.53 -13.14 -19.27
C GLY B 604 5.88 -12.46 -19.32
N MET B 605 5.93 -11.27 -19.90
CA MET B 605 7.17 -10.50 -19.99
C MET B 605 7.34 -9.51 -18.84
N ASN B 606 6.41 -9.45 -17.89
CA ASN B 606 6.53 -8.54 -16.74
C ASN B 606 6.11 -9.19 -15.43
N SER B 607 6.16 -10.52 -15.37
CA SER B 607 5.76 -11.31 -14.20
C SER B 607 6.11 -10.72 -12.84
N ILE B 608 7.39 -10.39 -12.62
CA ILE B 608 7.79 -9.95 -11.28
C ILE B 608 7.11 -8.62 -10.94
N LEU B 609 7.07 -7.70 -11.91
CA LEU B 609 6.40 -6.43 -11.67
C LEU B 609 4.91 -6.64 -11.42
N VAL B 610 4.29 -7.54 -12.17
CA VAL B 610 2.86 -7.80 -12.00
C VAL B 610 2.57 -8.38 -10.61
N TYR B 611 3.41 -9.32 -10.17
CA TYR B 611 3.22 -9.92 -8.85
C TYR B 611 3.38 -8.87 -7.75
N VAL B 612 4.49 -8.13 -7.79
CA VAL B 612 4.72 -7.12 -6.76
C VAL B 612 3.61 -6.07 -6.81
N GLY B 613 3.15 -5.72 -8.01
CA GLY B 613 2.13 -4.70 -8.12
C GLY B 613 0.80 -5.13 -7.56
N HIS B 614 0.35 -6.34 -7.86
CA HIS B 614 -0.96 -6.72 -7.34
C HIS B 614 -0.89 -7.10 -5.88
N GLU B 615 0.30 -7.41 -5.36
CA GLU B 615 0.45 -7.56 -3.92
C GLU B 615 0.41 -6.20 -3.23
N VAL B 616 1.01 -5.18 -3.85
CA VAL B 616 0.98 -3.84 -3.28
C VAL B 616 -0.37 -3.18 -3.53
N PHE B 617 -0.79 -3.13 -4.78
CA PHE B 617 -2.02 -2.44 -5.17
C PHE B 617 -3.22 -3.38 -5.18
N GLU B 618 -3.45 -4.09 -4.08
CA GLU B 618 -4.63 -4.95 -3.99
C GLU B 618 -5.90 -4.14 -3.78
N ASN B 619 -5.86 -3.15 -2.88
CA ASN B 619 -7.04 -2.42 -2.47
C ASN B 619 -7.29 -1.18 -3.32
N TYR B 620 -6.40 -0.87 -4.26
CA TYR B 620 -6.50 0.38 -5.00
C TYR B 620 -7.68 0.32 -5.96
N PHE B 621 -8.15 1.52 -6.36
CA PHE B 621 -9.48 1.62 -6.96
C PHE B 621 -9.67 0.75 -8.20
N PRO B 622 -8.80 0.76 -9.22
CA PRO B 622 -9.11 -0.02 -10.42
C PRO B 622 -9.27 -1.50 -10.12
N PHE B 623 -8.54 -2.02 -9.15
CA PHE B 623 -8.57 -3.43 -8.80
C PHE B 623 -9.52 -3.74 -7.66
N GLN B 624 -10.13 -2.73 -7.03
CA GLN B 624 -11.02 -2.97 -5.90
C GLN B 624 -11.85 -1.74 -5.64
N TRP B 625 -13.17 -1.91 -5.62
CA TRP B 625 -14.09 -0.83 -5.27
C TRP B 625 -15.19 -1.39 -4.39
N LYS B 626 -15.83 -0.51 -3.63
CA LYS B 626 -16.91 -0.93 -2.76
C LYS B 626 -18.07 -1.48 -3.58
N LEU B 627 -18.61 -2.62 -3.14
CA LEU B 627 -19.66 -3.31 -3.84
C LEU B 627 -21.02 -2.96 -3.25
N LYS B 628 -22.05 -2.99 -4.08
CA LYS B 628 -23.41 -2.73 -3.61
C LYS B 628 -23.83 -3.74 -2.55
N ASP B 629 -23.53 -5.01 -2.78
CA ASP B 629 -23.74 -6.06 -1.80
C ASP B 629 -22.55 -7.00 -1.82
N ASN B 630 -21.75 -6.98 -0.75
CA ASN B 630 -20.57 -7.82 -0.69
C ASN B 630 -20.91 -9.31 -0.72
N GLN B 631 -22.14 -9.68 -0.39
CA GLN B 631 -22.56 -11.07 -0.39
C GLN B 631 -23.21 -11.45 -1.72
N SER B 632 -22.51 -11.15 -2.83
CA SER B 632 -22.99 -11.48 -4.16
C SER B 632 -21.83 -12.01 -4.98
N HIS B 633 -22.04 -13.15 -5.64
CA HIS B 633 -20.98 -13.74 -6.45
C HIS B 633 -20.81 -13.02 -7.77
N LYS B 634 -21.89 -12.50 -8.34
CA LYS B 634 -21.79 -11.80 -9.61
C LYS B 634 -20.98 -10.52 -9.49
N GLU B 635 -21.21 -9.74 -8.43
CA GLU B 635 -20.48 -8.49 -8.26
C GLU B 635 -19.01 -8.74 -7.97
N HIS B 636 -18.71 -9.71 -7.10
CA HIS B 636 -17.32 -10.05 -6.82
C HIS B 636 -16.63 -10.57 -8.08
N LEU B 637 -17.32 -11.41 -8.85
CA LEU B 637 -16.73 -11.95 -10.07
C LEU B 637 -16.46 -10.85 -11.09
N THR B 638 -17.39 -9.92 -11.26
CA THR B 638 -17.16 -8.85 -12.22
C THR B 638 -16.05 -7.92 -11.75
N GLN B 639 -15.95 -7.66 -10.45
CA GLN B 639 -14.87 -6.83 -9.93
C GLN B 639 -13.52 -7.50 -10.14
N ASN B 640 -13.43 -8.80 -9.86
CA ASN B 640 -12.16 -9.49 -10.00
C ASN B 640 -11.77 -9.70 -11.46
N ILE B 641 -12.76 -9.92 -12.34
CA ILE B 641 -12.47 -10.01 -13.77
C ILE B 641 -11.99 -8.67 -14.30
N VAL B 642 -12.62 -7.57 -13.87
CA VAL B 642 -12.17 -6.25 -14.29
C VAL B 642 -10.76 -5.99 -13.77
N ALA B 643 -10.48 -6.38 -12.54
CA ALA B 643 -9.14 -6.17 -11.98
C ALA B 643 -8.08 -6.98 -12.73
N THR B 644 -8.38 -8.24 -13.04
CA THR B 644 -7.43 -9.06 -13.80
C THR B 644 -7.22 -8.51 -15.20
N ALA B 645 -8.30 -8.07 -15.85
CA ALA B 645 -8.18 -7.47 -17.17
C ALA B 645 -7.36 -6.19 -17.11
N LEU B 646 -7.52 -5.41 -16.04
CA LEU B 646 -6.73 -4.20 -15.89
C LEU B 646 -5.25 -4.51 -15.68
N TRP B 647 -4.95 -5.59 -14.95
CA TRP B 647 -3.55 -5.97 -14.80
C TRP B 647 -2.96 -6.46 -16.11
N VAL B 648 -3.74 -7.19 -16.91
CA VAL B 648 -3.29 -7.57 -18.25
C VAL B 648 -3.07 -6.34 -19.10
N LEU B 649 -3.95 -5.35 -18.98
CA LEU B 649 -3.79 -4.10 -19.74
C LEU B 649 -2.55 -3.35 -19.32
N ILE B 650 -2.26 -3.32 -18.01
CA ILE B 650 -1.05 -2.67 -17.52
C ILE B 650 0.19 -3.37 -18.05
N ALA B 651 0.19 -4.70 -18.01
CA ALA B 651 1.33 -5.46 -18.54
C ALA B 651 1.49 -5.23 -20.04
N TYR B 652 0.38 -5.16 -20.77
CA TYR B 652 0.45 -4.87 -22.20
C TYR B 652 1.01 -3.47 -22.46
N ILE B 653 0.57 -2.49 -21.68
CA ILE B 653 1.07 -1.13 -21.84
C ILE B 653 2.56 -1.08 -21.58
N LEU B 654 3.02 -1.77 -20.53
CA LEU B 654 4.45 -1.81 -20.23
C LEU B 654 5.22 -2.53 -21.33
N TYR B 655 4.64 -3.57 -21.93
CA TYR B 655 5.28 -4.23 -23.06
C TYR B 655 5.42 -3.28 -24.24
N ARG B 656 4.39 -2.48 -24.50
CA ARG B 656 4.45 -1.54 -25.61
C ARG B 656 5.55 -0.52 -25.41
N LYS B 657 5.71 -0.03 -24.18
CA LYS B 657 6.73 0.94 -23.84
C LYS B 657 8.08 0.31 -23.52
N LYS B 658 8.16 -1.03 -23.49
CA LYS B 658 9.40 -1.75 -23.22
C LYS B 658 10.00 -1.36 -21.86
N ILE B 659 9.23 -1.64 -20.80
CA ILE B 659 9.64 -1.32 -19.44
C ILE B 659 9.73 -2.59 -18.61
N PHE B 660 10.15 -3.68 -19.24
CA PHE B 660 10.28 -4.96 -18.53
C PHE B 660 11.22 -4.84 -17.35
N TRP B 661 10.71 -5.09 -16.15
CA TRP B 661 11.52 -5.12 -14.94
C TRP B 661 11.99 -6.55 -14.71
N LYS B 662 13.29 -6.72 -14.46
CA LYS B 662 13.89 -8.02 -14.23
C LYS B 662 14.63 -8.02 -12.90
N ILE B 663 15.11 -9.20 -12.52
CA ILE B 663 15.89 -9.39 -11.30
C ILE B 663 15.12 -8.89 -10.07
#